data_8WI2
#
_entry.id   8WI2
#
_cell.length_a   1.00
_cell.length_b   1.00
_cell.length_c   1.00
_cell.angle_alpha   90.00
_cell.angle_beta   90.00
_cell.angle_gamma   90.00
#
_symmetry.space_group_name_H-M   'P 1'
#
loop_
_entity.id
_entity.type
_entity.pdbx_description
1 polymer 'ATP-binding cassette sub-family C member 5'
2 polymer CYS-GLN-ASP-ALA-LEU-GLU-THR-ALA-ALA-ARG-ALA-GLU-GLY-LEU-SER-LEU-ASP-ALA-SER
#
loop_
_entity_poly.entity_id
_entity_poly.type
_entity_poly.pdbx_seq_one_letter_code
_entity_poly.pdbx_strand_id
1 'polypeptide(L)'
;TSKHQHPVDNAGLFSCMTFSWLSSLARVAHKKGELSMEDVWSLSKHESSDVNCRRLERLWQEELNEVGPDAASLRRVVWI
FCRTRLILSIVCLMITQLAGFSGPAFMVKHLLEYTQATESNLQYSLLLVLGLLLTEIVRSWSLALTWALNYRTGVRLRGA
ILTMAFKKILKLKNIKEKSLGELINICSNDGQRMFEAAAVGSLLAGGPVVAILGMIYNVIILGPTGFLGSAVFILFYPAM
MFASRLTAYFRRKCVAATDERVQKMNEVLTYIKFIKMYAWVKAFSQSVQKIREEERRILEKAGYFQSITVGVAPIVVVIA
SVVTFSVHMTLGFDLTAAQAFTVVTVFNSMTFALKVTPFSVKSLSEASVAVDRFKSLFLMEEVHMIKNKPASPHIKIEMK
NATLAWDSSHSSIQNSPKLTPKMKKDKRASRGKKEKVRQLQRTEHQAVLAEQKGHLLLDSDERPSPEEEEGKHIHLGHLR
LQRTLHSIDLEIQEGKLVGICGSVGSGKTSLISAILGQMTLLEGSIAISGTFAYVAQQAWILNATLRDNILFGKEYDEER
YNSVLNSCCLRPDLAILPSSDLTEIGERGANLSGGQRQRISLARALYSDRSIYILDDPLSALDAHVGNHIFNSAIRKHLK
SKTVLFVTHQLQYLVDCDEVIFMKEGCITERGTHEELMNLNGDYATIFNNLLLGETPPVEINSKKETSGSQKKSQDKGPK
TGSVKKEKAVKPEEGQLVQLEEKGQGSVPWSVYGVYIQAAGGPLAFLVIMALFMLNVGSTAFSTWWLSYWIKQGSGNTTV
TRGNETSVSDSMKDNPHMQYYASIYALSMAVMLILKAIRGVVFVKGTLRASSRLHDELFRRILRSPMKFFDTTPTGRILN
RFSKDMDEVDVRLPFQAEMFIQNVILVFFCVGMIAGVFPWFLVAVGPLVILFSVLHIVSRVLIRELKRLDNITQSPFLSH
ITSSIQGLATIHAYNKGQEFLHRYQELLDDNQAPFFLFTCAMRWLAVRLDLISIALITTTGLMIVLMHGQIPPAYAGLAI
SYAVQLTGLFQFTVRLASETEARFTSVERINHYIKTLSLEAPARIKNKAPSPDWPQEGEVTFENAEMRYRENLPLVLKKV
SFTIKPKEKIGIVGRTGSGKSSLGMALFRLVELSGGCIKIDGVRISDIGLADLRSKLSIIPQEPVLFSGTVRSNLDPFNQ
YTEDQIWDALERTHMKECIAQLPLKLESEVMENGDNFSVGERQLLCIARALLRHCKILILDEATAAMDTETDLLIQETIR
EAFADCTMLTIAHRLHTVLGSDRIMVLAQGQVVEFDTPSVLLSNDSSRFYAMFA
;
A
2 'polypeptide(L)' CQDALETAARAEGLSLDAS B
#
# COMPACT_ATOMS: atom_id res chain seq x y z
N THR A 1 -14.19 -20.23 -15.78
CA THR A 1 -13.50 -19.99 -17.04
C THR A 1 -13.75 -21.12 -18.03
N SER A 2 -15.03 -21.37 -18.33
CA SER A 2 -15.42 -22.41 -19.28
C SER A 2 -16.42 -21.81 -20.25
N LYS A 3 -16.00 -21.62 -21.50
CA LYS A 3 -16.87 -21.05 -22.53
C LYS A 3 -16.34 -21.45 -23.89
N HIS A 4 -17.21 -21.30 -24.90
CA HIS A 4 -16.84 -21.62 -26.27
C HIS A 4 -16.34 -20.37 -27.01
N GLN A 5 -17.17 -19.34 -27.09
CA GLN A 5 -16.79 -18.06 -27.66
C GLN A 5 -17.20 -16.94 -26.72
N HIS A 6 -16.39 -15.88 -26.69
CA HIS A 6 -16.73 -14.72 -25.89
C HIS A 6 -17.96 -14.03 -26.48
N PRO A 7 -18.81 -13.44 -25.63
CA PRO A 7 -19.99 -12.74 -26.17
C PRO A 7 -19.63 -11.57 -27.07
N VAL A 8 -18.41 -11.04 -26.99
CA VAL A 8 -18.02 -9.90 -27.81
C VAL A 8 -18.09 -10.26 -29.29
N ASP A 9 -17.55 -11.42 -29.66
CA ASP A 9 -17.50 -11.78 -31.07
C ASP A 9 -18.88 -12.08 -31.63
N ASN A 10 -19.83 -12.47 -30.76
CA ASN A 10 -21.17 -12.82 -31.19
C ASN A 10 -22.19 -11.74 -30.87
N ALA A 11 -21.75 -10.54 -30.48
CA ALA A 11 -22.65 -9.44 -30.13
C ALA A 11 -22.72 -8.45 -31.29
N GLY A 12 -23.93 -8.02 -31.62
CA GLY A 12 -24.14 -7.01 -32.63
C GLY A 12 -23.90 -5.62 -32.10
N LEU A 13 -24.14 -4.64 -32.97
CA LEU A 13 -23.93 -3.25 -32.59
C LEU A 13 -24.86 -2.84 -31.45
N PHE A 14 -26.14 -3.21 -31.55
CA PHE A 14 -27.10 -2.85 -30.51
C PHE A 14 -26.72 -3.48 -29.17
N SER A 15 -26.34 -4.76 -29.19
CA SER A 15 -25.89 -5.42 -27.97
C SER A 15 -24.61 -4.77 -27.45
N CYS A 16 -23.71 -4.37 -28.36
CA CYS A 16 -22.51 -3.67 -27.93
C CYS A 16 -22.84 -2.33 -27.28
N MET A 17 -23.95 -1.71 -27.67
CA MET A 17 -24.30 -0.43 -27.08
C MET A 17 -24.96 -0.60 -25.73
N THR A 18 -25.91 -1.52 -25.62
CA THR A 18 -26.64 -1.72 -24.38
C THR A 18 -25.98 -2.72 -23.43
N PHE A 19 -24.91 -3.39 -23.87
CA PHE A 19 -24.21 -4.38 -23.06
C PHE A 19 -25.19 -5.44 -22.54
N SER A 20 -25.95 -6.03 -23.47
CA SER A 20 -26.96 -7.00 -23.09
C SER A 20 -26.35 -8.23 -22.44
N TRP A 21 -25.15 -8.61 -22.88
CA TRP A 21 -24.42 -9.71 -22.26
C TRP A 21 -24.15 -9.45 -20.79
N LEU A 22 -23.60 -8.28 -20.45
CA LEU A 22 -23.41 -7.96 -19.05
C LEU A 22 -24.74 -7.71 -18.34
N SER A 23 -25.78 -7.33 -19.07
CA SER A 23 -27.10 -7.23 -18.45
C SER A 23 -27.57 -8.60 -17.96
N SER A 24 -27.41 -9.63 -18.80
CA SER A 24 -27.74 -10.99 -18.38
C SER A 24 -26.86 -11.44 -17.23
N LEU A 25 -25.57 -11.14 -17.29
CA LEU A 25 -24.66 -11.52 -16.20
C LEU A 25 -25.07 -10.87 -14.89
N ALA A 26 -25.43 -9.59 -14.93
CA ALA A 26 -25.85 -8.88 -13.72
C ALA A 26 -27.16 -9.41 -13.20
N ARG A 27 -28.09 -9.78 -14.09
CA ARG A 27 -29.34 -10.38 -13.65
C ARG A 27 -29.08 -11.71 -12.94
N VAL A 28 -28.18 -12.53 -13.49
CA VAL A 28 -27.82 -13.79 -12.84
C VAL A 28 -27.20 -13.51 -11.48
N ALA A 29 -26.30 -12.53 -11.40
CA ALA A 29 -25.65 -12.20 -10.15
C ALA A 29 -26.67 -11.75 -9.10
N HIS A 30 -27.63 -10.91 -9.51
CA HIS A 30 -28.67 -10.49 -8.58
C HIS A 30 -29.53 -11.67 -8.14
N LYS A 31 -29.78 -12.62 -9.05
CA LYS A 31 -30.52 -13.81 -8.68
C LYS A 31 -29.77 -14.63 -7.63
N LYS A 32 -28.45 -14.75 -7.77
CA LYS A 32 -27.67 -15.56 -6.85
C LYS A 32 -27.07 -14.76 -5.71
N GLY A 33 -26.45 -13.62 -6.02
CA GLY A 33 -25.78 -12.82 -5.01
C GLY A 33 -24.32 -13.12 -4.82
N GLU A 34 -23.79 -14.16 -5.44
CA GLU A 34 -22.38 -14.51 -5.33
C GLU A 34 -21.88 -14.99 -6.69
N LEU A 35 -20.58 -14.84 -6.91
CA LEU A 35 -19.96 -15.22 -8.18
C LEU A 35 -18.85 -16.24 -7.94
N SER A 36 -18.51 -16.94 -9.00
CA SER A 36 -17.45 -17.95 -8.97
C SER A 36 -16.63 -17.83 -10.25
N MET A 37 -15.44 -18.43 -10.23
CA MET A 37 -14.55 -18.36 -11.38
C MET A 37 -15.16 -19.03 -12.60
N GLU A 38 -16.04 -20.01 -12.39
CA GLU A 38 -16.64 -20.73 -13.52
C GLU A 38 -17.71 -19.91 -14.23
N ASP A 39 -18.37 -19.00 -13.54
CA ASP A 39 -19.48 -18.25 -14.12
C ASP A 39 -19.04 -17.18 -15.11
N VAL A 40 -17.75 -16.84 -15.15
CA VAL A 40 -17.25 -15.80 -16.02
C VAL A 40 -16.72 -16.42 -17.30
N TRP A 41 -16.60 -15.59 -18.34
CA TRP A 41 -16.13 -16.03 -19.64
C TRP A 41 -14.61 -15.93 -19.71
N SER A 42 -14.02 -16.77 -20.55
CA SER A 42 -12.58 -16.73 -20.79
C SER A 42 -12.25 -15.66 -21.84
N LEU A 43 -10.96 -15.42 -22.02
CA LEU A 43 -10.52 -14.45 -23.01
C LEU A 43 -10.75 -14.98 -24.42
N SER A 44 -11.17 -14.09 -25.32
CA SER A 44 -11.36 -14.44 -26.71
C SER A 44 -10.02 -14.51 -27.42
N LYS A 45 -10.03 -15.12 -28.61
CA LYS A 45 -8.80 -15.25 -29.39
C LYS A 45 -8.29 -13.90 -29.89
N HIS A 46 -9.16 -12.89 -29.97
CA HIS A 46 -8.72 -11.58 -30.43
C HIS A 46 -7.72 -10.96 -29.45
N GLU A 47 -7.96 -11.10 -28.16
CA GLU A 47 -7.15 -10.46 -27.13
C GLU A 47 -6.19 -11.44 -26.44
N SER A 48 -5.88 -12.55 -27.10
CA SER A 48 -4.94 -13.51 -26.53
C SER A 48 -3.56 -12.89 -26.40
N SER A 49 -2.87 -13.23 -25.31
CA SER A 49 -1.59 -12.60 -25.00
C SER A 49 -0.52 -12.96 -26.03
N ASP A 50 -0.50 -14.21 -26.49
CA ASP A 50 0.58 -14.67 -27.36
C ASP A 50 0.60 -13.95 -28.70
N VAL A 51 -0.57 -13.77 -29.32
CA VAL A 51 -0.62 -13.11 -30.62
C VAL A 51 -0.19 -11.67 -30.51
N ASN A 52 -0.67 -10.97 -29.48
CA ASN A 52 -0.27 -9.59 -29.26
C ASN A 52 1.22 -9.49 -28.97
N CYS A 53 1.78 -10.45 -28.22
CA CYS A 53 3.21 -10.49 -27.98
C CYS A 53 3.98 -10.63 -29.27
N ARG A 54 3.54 -11.53 -30.15
CA ARG A 54 4.21 -11.72 -31.43
C ARG A 54 4.16 -10.44 -32.26
N ARG A 55 3.01 -9.78 -32.31
CA ARG A 55 2.91 -8.55 -33.07
C ARG A 55 3.83 -7.47 -32.50
N LEU A 56 3.84 -7.31 -31.18
CA LEU A 56 4.66 -6.27 -30.57
C LEU A 56 6.14 -6.54 -30.76
N GLU A 57 6.57 -7.79 -30.60
CA GLU A 57 7.98 -8.10 -30.79
C GLU A 57 8.39 -7.93 -32.25
N ARG A 58 7.51 -8.28 -33.19
CA ARG A 58 7.82 -8.06 -34.59
C ARG A 58 7.99 -6.58 -34.87
N LEU A 59 7.08 -5.74 -34.37
CA LEU A 59 7.19 -4.30 -34.62
C LEU A 59 8.44 -3.73 -33.97
N TRP A 60 8.77 -4.17 -32.75
CA TRP A 60 9.96 -3.69 -32.07
C TRP A 60 11.22 -4.09 -32.82
N GLN A 61 11.27 -5.33 -33.32
CA GLN A 61 12.42 -5.77 -34.10
C GLN A 61 12.55 -4.96 -35.38
N GLU A 62 11.43 -4.68 -36.05
CA GLU A 62 11.49 -3.87 -37.26
C GLU A 62 12.01 -2.48 -36.97
N GLU A 63 11.53 -1.85 -35.88
CA GLU A 63 12.01 -0.53 -35.53
C GLU A 63 13.50 -0.56 -35.20
N LEU A 64 13.94 -1.58 -34.47
CA LEU A 64 15.36 -1.69 -34.11
C LEU A 64 16.23 -1.85 -35.35
N ASN A 65 15.79 -2.67 -36.30
CA ASN A 65 16.54 -2.80 -37.55
C ASN A 65 16.46 -1.54 -38.40
N GLU A 66 15.42 -0.73 -38.23
CA GLU A 66 15.29 0.50 -39.01
C GLU A 66 16.23 1.58 -38.49
N VAL A 67 16.07 1.99 -37.23
CA VAL A 67 16.79 3.16 -36.72
C VAL A 67 18.05 2.75 -35.98
N GLY A 68 18.10 1.52 -35.50
CA GLY A 68 19.22 1.06 -34.71
C GLY A 68 18.96 1.20 -33.23
N PRO A 69 19.68 0.43 -32.41
CA PRO A 69 19.48 0.45 -30.95
C PRO A 69 20.13 1.66 -30.27
N ASP A 70 19.96 2.84 -30.86
CA ASP A 70 20.47 4.06 -30.28
C ASP A 70 19.42 5.17 -30.11
N ALA A 71 18.47 5.30 -31.03
CA ALA A 71 17.42 6.31 -30.93
C ALA A 71 16.06 5.68 -31.15
N ALA A 72 15.84 4.51 -30.57
CA ALA A 72 14.59 3.78 -30.70
C ALA A 72 13.54 4.39 -29.79
N SER A 73 12.34 4.59 -30.32
CA SER A 73 11.24 5.17 -29.58
C SER A 73 10.05 4.22 -29.57
N LEU A 74 9.73 3.70 -28.39
CA LEU A 74 8.55 2.85 -28.24
C LEU A 74 7.25 3.60 -28.49
N ARG A 75 7.27 4.93 -28.42
CA ARG A 75 6.06 5.70 -28.71
C ARG A 75 5.57 5.44 -30.14
N ARG A 76 6.48 5.47 -31.10
CA ARG A 76 6.10 5.18 -32.48
C ARG A 76 5.60 3.74 -32.61
N VAL A 77 6.24 2.81 -31.90
CA VAL A 77 5.86 1.40 -32.01
C VAL A 77 4.43 1.20 -31.52
N VAL A 78 4.11 1.74 -30.35
CA VAL A 78 2.75 1.60 -29.84
C VAL A 78 1.77 2.37 -30.72
N TRP A 79 2.22 3.48 -31.33
CA TRP A 79 1.34 4.22 -32.22
C TRP A 79 0.95 3.37 -33.43
N ILE A 80 1.92 2.69 -34.04
CA ILE A 80 1.58 1.79 -35.14
C ILE A 80 0.73 0.64 -34.64
N PHE A 81 0.98 0.17 -33.42
CA PHE A 81 0.24 -0.98 -32.91
C PHE A 81 -1.23 -0.66 -32.70
N CYS A 82 -1.55 0.58 -32.33
CA CYS A 82 -2.93 0.94 -32.00
C CYS A 82 -3.49 2.06 -32.88
N ARG A 83 -2.90 2.31 -34.04
CA ARG A 83 -3.33 3.42 -34.89
C ARG A 83 -4.79 3.30 -35.30
N THR A 84 -5.19 2.15 -35.83
CA THR A 84 -6.54 2.01 -36.37
C THR A 84 -7.58 2.22 -35.28
N ARG A 85 -7.36 1.60 -34.12
CA ARG A 85 -8.29 1.77 -33.00
C ARG A 85 -8.31 3.22 -32.53
N LEU A 86 -7.16 3.88 -32.54
CA LEU A 86 -7.13 5.28 -32.11
C LEU A 86 -7.92 6.17 -33.07
N ILE A 87 -7.79 5.94 -34.38
CA ILE A 87 -8.56 6.77 -35.32
C ILE A 87 -10.05 6.49 -35.21
N LEU A 88 -10.43 5.23 -35.00
CA LEU A 88 -11.84 4.94 -34.80
C LEU A 88 -12.36 5.63 -33.55
N SER A 89 -11.60 5.58 -32.46
CA SER A 89 -12.03 6.21 -31.22
C SER A 89 -12.15 7.72 -31.37
N ILE A 90 -11.17 8.36 -32.03
CA ILE A 90 -11.22 9.81 -32.15
C ILE A 90 -12.37 10.23 -33.08
N VAL A 91 -12.64 9.47 -34.14
CA VAL A 91 -13.78 9.79 -34.99
C VAL A 91 -15.08 9.68 -34.20
N CYS A 92 -15.23 8.60 -33.43
CA CYS A 92 -16.44 8.45 -32.63
C CYS A 92 -16.57 9.55 -31.60
N LEU A 93 -15.48 9.95 -30.96
CA LEU A 93 -15.52 11.01 -29.97
C LEU A 93 -15.85 12.35 -30.60
N MET A 94 -15.34 12.59 -31.81
CA MET A 94 -15.71 13.80 -32.55
C MET A 94 -17.21 13.81 -32.82
N ILE A 95 -17.77 12.65 -33.17
CA ILE A 95 -19.21 12.55 -33.35
C ILE A 95 -19.93 12.85 -32.04
N THR A 96 -19.43 12.32 -30.92
CA THR A 96 -20.04 12.59 -29.62
C THR A 96 -20.09 14.09 -29.36
N GLN A 97 -18.97 14.77 -29.54
CA GLN A 97 -18.92 16.19 -29.23
C GLN A 97 -19.77 17.01 -30.19
N LEU A 98 -19.76 16.65 -31.48
CA LEU A 98 -20.59 17.36 -32.45
C LEU A 98 -22.07 17.22 -32.08
N ALA A 99 -22.50 16.02 -31.70
CA ALA A 99 -23.89 15.84 -31.32
C ALA A 99 -24.21 16.59 -30.04
N GLY A 100 -23.39 16.43 -29.01
CA GLY A 100 -23.63 17.10 -27.73
C GLY A 100 -23.46 18.59 -27.77
N PHE A 101 -22.96 19.13 -28.88
CA PHE A 101 -22.96 20.57 -29.08
C PHE A 101 -24.12 21.05 -29.95
N SER A 102 -24.42 20.34 -31.04
CA SER A 102 -25.45 20.79 -31.96
C SER A 102 -26.85 20.57 -31.40
N GLY A 103 -27.05 19.51 -30.62
CA GLY A 103 -28.35 19.23 -30.07
C GLY A 103 -28.83 20.27 -29.09
N PRO A 104 -28.18 20.36 -27.93
CA PRO A 104 -28.71 21.25 -26.87
C PRO A 104 -28.77 22.71 -27.29
N ALA A 105 -27.69 23.26 -27.84
CA ALA A 105 -27.67 24.68 -28.16
C ALA A 105 -28.74 25.06 -29.18
N PHE A 106 -28.77 24.36 -30.31
CA PHE A 106 -29.72 24.70 -31.36
C PHE A 106 -31.16 24.42 -30.94
N MET A 107 -31.42 23.25 -30.35
CA MET A 107 -32.78 22.96 -29.90
C MET A 107 -33.25 23.95 -28.84
N VAL A 108 -32.40 24.29 -27.87
CA VAL A 108 -32.81 25.24 -26.84
C VAL A 108 -33.09 26.60 -27.45
N LYS A 109 -32.22 27.05 -28.37
CA LYS A 109 -32.44 28.34 -29.01
C LYS A 109 -33.77 28.36 -29.75
N HIS A 110 -34.04 27.34 -30.55
CA HIS A 110 -35.27 27.32 -31.33
C HIS A 110 -36.49 27.22 -30.43
N LEU A 111 -36.41 26.39 -29.38
CA LEU A 111 -37.54 26.23 -28.47
C LEU A 111 -37.86 27.52 -27.74
N LEU A 112 -36.82 28.22 -27.27
CA LEU A 112 -37.06 29.47 -26.57
C LEU A 112 -37.56 30.55 -27.51
N GLU A 113 -37.06 30.59 -28.75
CA GLU A 113 -37.57 31.54 -29.72
C GLU A 113 -39.04 31.27 -30.02
N TYR A 114 -39.42 30.01 -30.15
CA TYR A 114 -40.83 29.68 -30.37
C TYR A 114 -41.67 30.05 -29.17
N THR A 115 -41.15 29.81 -27.95
CA THR A 115 -41.89 30.18 -26.75
C THR A 115 -42.12 31.69 -26.69
N GLN A 116 -41.11 32.48 -27.04
CA GLN A 116 -41.25 33.93 -27.07
C GLN A 116 -42.28 34.39 -28.08
N ALA A 117 -42.60 33.57 -29.08
CA ALA A 117 -43.61 33.91 -30.07
C ALA A 117 -45.01 33.75 -29.46
N THR A 118 -46.00 34.32 -30.15
CA THR A 118 -47.38 34.34 -29.67
C THR A 118 -48.20 33.18 -30.23
N GLU A 119 -48.10 32.94 -31.54
CA GLU A 119 -48.90 31.92 -32.18
C GLU A 119 -48.51 30.54 -31.68
N SER A 120 -49.49 29.63 -31.69
CA SER A 120 -49.31 28.26 -31.23
C SER A 120 -49.20 27.33 -32.43
N ASN A 121 -48.07 26.61 -32.52
CA ASN A 121 -47.84 25.65 -33.58
C ASN A 121 -47.18 24.42 -32.99
N LEU A 122 -48.00 23.45 -32.58
CA LEU A 122 -47.52 22.24 -31.93
C LEU A 122 -46.72 21.35 -32.87
N GLN A 123 -46.97 21.40 -34.17
CA GLN A 123 -46.27 20.59 -35.15
C GLN A 123 -44.77 20.87 -35.17
N TYR A 124 -44.34 22.07 -34.78
CA TYR A 124 -42.93 22.42 -34.74
C TYR A 124 -42.25 22.04 -33.44
N SER A 125 -42.90 22.29 -32.31
CA SER A 125 -42.26 22.04 -31.02
C SER A 125 -42.11 20.54 -30.76
N LEU A 126 -43.08 19.75 -31.19
CA LEU A 126 -42.93 18.30 -31.09
C LEU A 126 -41.76 17.80 -31.92
N LEU A 127 -41.59 18.36 -33.12
CA LEU A 127 -40.42 18.05 -33.93
C LEU A 127 -39.15 18.42 -33.19
N LEU A 128 -39.13 19.59 -32.55
CA LEU A 128 -37.94 20.03 -31.83
C LEU A 128 -37.60 19.09 -30.67
N VAL A 129 -38.61 18.67 -29.90
CA VAL A 129 -38.33 17.79 -28.77
C VAL A 129 -37.87 16.42 -29.25
N LEU A 130 -38.48 15.92 -30.33
CA LEU A 130 -38.00 14.67 -30.92
C LEU A 130 -36.56 14.79 -31.37
N GLY A 131 -36.21 15.92 -31.99
CA GLY A 131 -34.84 16.13 -32.41
C GLY A 131 -33.87 16.15 -31.25
N LEU A 132 -34.21 16.87 -30.17
CA LEU A 132 -33.29 16.95 -29.04
C LEU A 132 -33.11 15.58 -28.38
N LEU A 133 -34.21 14.81 -28.26
CA LEU A 133 -34.08 13.46 -27.76
C LEU A 133 -33.16 12.64 -28.65
N LEU A 134 -33.29 12.79 -29.97
CA LEU A 134 -32.44 12.04 -30.89
C LEU A 134 -30.97 12.39 -30.69
N THR A 135 -30.66 13.68 -30.56
CA THR A 135 -29.27 14.08 -30.35
C THR A 135 -28.72 13.53 -29.04
N GLU A 136 -29.51 13.61 -27.96
CA GLU A 136 -29.05 13.09 -26.68
C GLU A 136 -28.74 11.60 -26.76
N ILE A 137 -29.67 10.83 -27.34
CA ILE A 137 -29.46 9.38 -27.42
C ILE A 137 -28.26 9.07 -28.29
N VAL A 138 -28.10 9.77 -29.41
CA VAL A 138 -27.00 9.51 -30.32
C VAL A 138 -25.67 9.80 -29.63
N ARG A 139 -25.60 10.92 -28.90
CA ARG A 139 -24.37 11.25 -28.20
C ARG A 139 -24.03 10.20 -27.14
N SER A 140 -25.04 9.76 -26.38
CA SER A 140 -24.81 8.74 -25.37
C SER A 140 -24.24 7.45 -26.00
N TRP A 141 -24.90 6.98 -27.06
CA TRP A 141 -24.46 5.73 -27.68
C TRP A 141 -23.07 5.86 -28.29
N SER A 142 -22.77 7.00 -28.92
CA SER A 142 -21.46 7.17 -29.51
C SER A 142 -20.37 7.19 -28.43
N LEU A 143 -20.65 7.82 -27.28
CA LEU A 143 -19.71 7.78 -26.17
C LEU A 143 -19.48 6.36 -25.69
N ALA A 144 -20.56 5.58 -25.59
CA ALA A 144 -20.42 4.19 -25.17
C ALA A 144 -19.54 3.41 -26.13
N LEU A 145 -19.73 3.60 -27.44
CA LEU A 145 -18.90 2.92 -28.43
C LEU A 145 -17.44 3.33 -28.29
N THR A 146 -17.18 4.62 -28.10
CA THR A 146 -15.81 5.09 -27.90
C THR A 146 -15.16 4.38 -26.72
N TRP A 147 -15.88 4.29 -25.59
CA TRP A 147 -15.28 3.69 -24.42
C TRP A 147 -15.05 2.19 -24.61
N ALA A 148 -15.96 1.50 -25.31
CA ALA A 148 -15.75 0.08 -25.57
C ALA A 148 -14.51 -0.15 -26.42
N LEU A 149 -14.34 0.64 -27.49
CA LEU A 149 -13.15 0.49 -28.31
C LEU A 149 -11.89 0.77 -27.50
N ASN A 150 -11.93 1.81 -26.67
CA ASN A 150 -10.76 2.14 -25.86
C ASN A 150 -10.41 1.01 -24.90
N TYR A 151 -11.44 0.41 -24.28
CA TYR A 151 -11.20 -0.69 -23.36
C TYR A 151 -10.54 -1.87 -24.06
N ARG A 152 -11.04 -2.25 -25.23
CA ARG A 152 -10.45 -3.38 -25.94
C ARG A 152 -9.01 -3.09 -26.32
N THR A 153 -8.74 -1.90 -26.85
CA THR A 153 -7.38 -1.56 -27.24
C THR A 153 -6.44 -1.55 -26.05
N GLY A 154 -6.89 -0.99 -24.92
CA GLY A 154 -6.06 -0.96 -23.74
C GLY A 154 -5.74 -2.35 -23.21
N VAL A 155 -6.72 -3.25 -23.23
CA VAL A 155 -6.47 -4.61 -22.76
C VAL A 155 -5.42 -5.28 -23.64
N ARG A 156 -5.57 -5.14 -24.97
CA ARG A 156 -4.59 -5.74 -25.87
C ARG A 156 -3.20 -5.20 -25.61
N LEU A 157 -3.06 -3.88 -25.51
CA LEU A 157 -1.76 -3.26 -25.32
C LEU A 157 -1.14 -3.70 -24.00
N ARG A 158 -1.92 -3.71 -22.92
CA ARG A 158 -1.38 -4.10 -21.62
C ARG A 158 -0.87 -5.53 -21.65
N GLY A 159 -1.67 -6.45 -22.20
CA GLY A 159 -1.24 -7.83 -22.26
C GLY A 159 0.06 -7.99 -23.05
N ALA A 160 0.11 -7.37 -24.23
CA ALA A 160 1.29 -7.52 -25.08
C ALA A 160 2.53 -6.97 -24.38
N ILE A 161 2.44 -5.77 -23.82
CA ILE A 161 3.61 -5.15 -23.22
C ILE A 161 4.07 -5.93 -21.99
N LEU A 162 3.13 -6.44 -21.20
CA LEU A 162 3.51 -7.19 -20.00
C LEU A 162 4.23 -8.48 -20.38
N THR A 163 3.68 -9.25 -21.32
CA THR A 163 4.33 -10.52 -21.65
C THR A 163 5.68 -10.30 -22.32
N MET A 164 5.80 -9.28 -23.17
CA MET A 164 7.09 -8.99 -23.79
C MET A 164 8.12 -8.57 -22.75
N ALA A 165 7.71 -7.74 -21.79
CA ALA A 165 8.62 -7.35 -20.72
C ALA A 165 9.06 -8.57 -19.91
N PHE A 166 8.15 -9.50 -19.66
CA PHE A 166 8.53 -10.71 -18.93
C PHE A 166 9.54 -11.53 -19.70
N LYS A 167 9.34 -11.68 -21.01
CA LYS A 167 10.34 -12.39 -21.81
C LYS A 167 11.70 -11.72 -21.70
N LYS A 168 11.71 -10.38 -21.78
CA LYS A 168 12.98 -9.66 -21.70
C LYS A 168 13.66 -9.88 -20.35
N ILE A 169 12.91 -9.79 -19.24
CA ILE A 169 13.57 -9.96 -17.95
C ILE A 169 14.02 -11.40 -17.77
N LEU A 170 13.26 -12.37 -18.25
CA LEU A 170 13.71 -13.75 -18.22
C LEU A 170 14.98 -13.97 -19.03
N LYS A 171 15.25 -13.12 -20.02
CA LYS A 171 16.50 -13.24 -20.76
C LYS A 171 17.54 -12.22 -20.31
N LEU A 172 17.61 -11.96 -19.00
CA LEU A 172 18.51 -10.95 -18.46
C LEU A 172 19.87 -11.55 -18.10
N LYS A 173 20.90 -10.70 -18.10
CA LYS A 173 22.24 -11.14 -17.73
C LYS A 173 22.41 -11.16 -16.21
N ASN A 174 22.32 -10.00 -15.57
CA ASN A 174 22.58 -9.84 -14.14
C ASN A 174 21.33 -9.29 -13.47
N ILE A 175 21.11 -9.70 -12.23
CA ILE A 175 19.94 -9.25 -11.46
C ILE A 175 20.30 -8.24 -10.37
N LYS A 176 21.56 -8.18 -9.95
CA LYS A 176 21.96 -7.27 -8.90
C LYS A 176 22.20 -5.84 -9.38
N GLU A 177 22.16 -5.62 -10.70
CA GLU A 177 22.32 -4.27 -11.21
C GLU A 177 21.16 -3.37 -10.78
N LYS A 178 19.95 -3.89 -10.79
CA LYS A 178 18.75 -3.13 -10.44
C LYS A 178 18.03 -3.78 -9.28
N SER A 179 17.31 -2.97 -8.51
CA SER A 179 16.62 -3.44 -7.33
C SER A 179 15.49 -4.40 -7.70
N LEU A 180 15.23 -5.35 -6.82
CA LEU A 180 14.16 -6.31 -7.04
C LEU A 180 12.78 -5.67 -6.92
N GLY A 181 12.63 -4.69 -6.03
CA GLY A 181 11.33 -4.07 -5.84
C GLY A 181 10.84 -3.35 -7.08
N GLU A 182 11.72 -2.57 -7.72
CA GLU A 182 11.32 -1.88 -8.94
C GLU A 182 11.11 -2.86 -10.08
N LEU A 183 11.85 -3.97 -10.10
CA LEU A 183 11.64 -4.96 -11.14
C LEU A 183 10.30 -5.67 -10.98
N ILE A 184 9.85 -5.85 -9.74
CA ILE A 184 8.50 -6.36 -9.51
C ILE A 184 7.47 -5.30 -9.91
N ASN A 185 7.72 -4.05 -9.56
CA ASN A 185 6.79 -2.97 -9.88
C ASN A 185 6.66 -2.74 -11.39
N ILE A 186 7.70 -3.07 -12.17
CA ILE A 186 7.60 -2.88 -13.61
C ILE A 186 6.61 -3.84 -14.25
N CYS A 187 6.25 -4.92 -13.54
CA CYS A 187 5.27 -5.89 -14.02
C CYS A 187 4.01 -5.91 -13.17
N SER A 188 3.81 -4.89 -12.34
CA SER A 188 2.67 -4.85 -11.42
C SER A 188 1.68 -3.74 -11.75
N ASN A 189 2.16 -2.51 -11.95
CA ASN A 189 1.28 -1.37 -12.19
C ASN A 189 1.42 -0.78 -13.58
N ASP A 190 2.44 -1.18 -14.34
CA ASP A 190 2.62 -0.63 -15.68
C ASP A 190 1.46 -1.00 -16.60
N GLY A 191 0.83 -2.15 -16.37
CA GLY A 191 -0.36 -2.48 -17.13
C GLY A 191 -1.49 -1.50 -16.87
N GLN A 192 -1.71 -1.14 -15.61
CA GLN A 192 -2.71 -0.13 -15.29
C GLN A 192 -2.33 1.22 -15.90
N ARG A 193 -1.04 1.55 -15.89
CA ARG A 193 -0.60 2.80 -16.49
C ARG A 193 -0.89 2.83 -17.99
N MET A 194 -0.64 1.71 -18.68
CA MET A 194 -0.94 1.64 -20.11
C MET A 194 -2.44 1.71 -20.38
N PHE A 195 -3.23 1.05 -19.54
CA PHE A 195 -4.69 1.14 -19.66
C PHE A 195 -5.16 2.58 -19.55
N GLU A 196 -4.70 3.28 -18.51
CA GLU A 196 -5.04 4.69 -18.33
C GLU A 196 -4.60 5.49 -19.55
N ALA A 197 -3.36 5.27 -19.99
CA ALA A 197 -2.86 5.95 -21.19
C ALA A 197 -3.84 5.83 -22.34
N ALA A 198 -4.08 4.59 -22.79
CA ALA A 198 -4.92 4.38 -23.96
C ALA A 198 -6.29 5.00 -23.79
N ALA A 199 -7.04 4.54 -22.78
CA ALA A 199 -8.44 4.96 -22.66
C ALA A 199 -8.56 6.45 -22.44
N VAL A 200 -7.85 6.99 -21.45
CA VAL A 200 -8.11 8.36 -21.07
C VAL A 200 -7.44 9.35 -22.03
N GLY A 201 -6.45 8.90 -22.83
CA GLY A 201 -5.96 9.76 -23.88
C GLY A 201 -6.91 9.83 -25.06
N SER A 202 -7.44 8.68 -25.47
CA SER A 202 -8.48 8.69 -26.50
C SER A 202 -9.65 9.55 -26.05
N LEU A 203 -9.91 9.60 -24.75
CA LEU A 203 -10.89 10.55 -24.24
C LEU A 203 -10.36 11.98 -24.23
N LEU A 204 -9.05 12.15 -24.02
CA LEU A 204 -8.46 13.49 -24.01
C LEU A 204 -8.63 14.19 -25.34
N ALA A 205 -8.67 13.44 -26.43
CA ALA A 205 -8.83 14.11 -27.72
C ALA A 205 -10.30 14.48 -27.97
N GLY A 206 -10.93 15.17 -27.02
CA GLY A 206 -12.31 15.58 -27.18
C GLY A 206 -12.73 16.90 -26.56
N GLY A 207 -11.79 17.62 -25.95
CA GLY A 207 -12.11 18.82 -25.21
C GLY A 207 -11.92 20.15 -25.94
N PRO A 208 -10.75 20.35 -26.54
CA PRO A 208 -10.50 21.63 -27.21
C PRO A 208 -11.50 21.95 -28.31
N VAL A 209 -11.95 20.96 -29.07
CA VAL A 209 -12.84 21.24 -30.19
C VAL A 209 -14.19 21.75 -29.70
N VAL A 210 -14.74 21.13 -28.65
CA VAL A 210 -16.02 21.60 -28.14
C VAL A 210 -15.86 22.93 -27.41
N ALA A 211 -14.71 23.15 -26.76
CA ALA A 211 -14.45 24.44 -26.16
C ALA A 211 -14.43 25.56 -27.21
N ILE A 212 -13.74 25.32 -28.33
CA ILE A 212 -13.67 26.32 -29.39
C ILE A 212 -15.04 26.54 -30.01
N LEU A 213 -15.79 25.46 -30.23
CA LEU A 213 -17.13 25.60 -30.78
C LEU A 213 -18.03 26.41 -29.84
N GLY A 214 -17.94 26.17 -28.54
CA GLY A 214 -18.71 26.95 -27.60
C GLY A 214 -18.34 28.42 -27.61
N MET A 215 -17.04 28.72 -27.68
CA MET A 215 -16.63 30.12 -27.77
C MET A 215 -17.18 30.77 -29.03
N ILE A 216 -17.10 30.07 -30.16
CA ILE A 216 -17.58 30.65 -31.42
C ILE A 216 -19.08 30.87 -31.37
N TYR A 217 -19.82 29.91 -30.84
CA TYR A 217 -21.27 30.06 -30.73
C TYR A 217 -21.63 31.23 -29.83
N ASN A 218 -20.94 31.36 -28.69
CA ASN A 218 -21.22 32.45 -27.77
C ASN A 218 -20.95 33.79 -28.41
N VAL A 219 -19.82 33.93 -29.11
CA VAL A 219 -19.50 35.22 -29.69
C VAL A 219 -20.47 35.56 -30.82
N ILE A 220 -20.82 34.59 -31.67
CA ILE A 220 -21.73 34.90 -32.77
C ILE A 220 -23.11 35.25 -32.24
N ILE A 221 -23.55 34.62 -31.14
CA ILE A 221 -24.84 34.97 -30.57
C ILE A 221 -24.80 36.37 -29.96
N LEU A 222 -23.77 36.68 -29.18
CA LEU A 222 -23.81 37.89 -28.36
C LEU A 222 -23.29 39.12 -29.11
N GLY A 223 -22.06 39.04 -29.62
CA GLY A 223 -21.40 40.18 -30.20
C GLY A 223 -19.95 40.20 -29.79
N PRO A 224 -19.27 41.34 -30.01
CA PRO A 224 -17.88 41.45 -29.55
C PRO A 224 -17.72 41.29 -28.04
N THR A 225 -18.82 41.15 -27.30
CA THR A 225 -18.77 41.05 -25.85
C THR A 225 -18.64 39.60 -25.35
N GLY A 226 -18.63 38.62 -26.24
CA GLY A 226 -18.48 37.24 -25.81
C GLY A 226 -17.09 36.85 -25.35
N PHE A 227 -16.09 37.66 -25.66
CA PHE A 227 -14.73 37.37 -25.20
C PHE A 227 -14.64 37.40 -23.68
N LEU A 228 -15.38 38.31 -23.04
CA LEU A 228 -15.39 38.38 -21.59
C LEU A 228 -15.91 37.08 -20.99
N GLY A 229 -16.98 36.52 -21.56
CA GLY A 229 -17.48 35.24 -21.09
C GLY A 229 -16.64 34.06 -21.49
N SER A 230 -15.84 34.17 -22.54
CA SER A 230 -14.99 33.06 -22.95
C SER A 230 -13.63 33.06 -22.27
N ALA A 231 -13.24 34.18 -21.63
CA ALA A 231 -11.93 34.27 -21.00
C ALA A 231 -11.91 33.79 -19.55
N VAL A 232 -13.07 33.47 -18.97
CA VAL A 232 -13.12 33.09 -17.56
C VAL A 232 -12.37 31.78 -17.34
N PHE A 233 -12.55 30.80 -18.23
CA PHE A 233 -11.87 29.53 -18.07
C PHE A 233 -10.36 29.70 -18.16
N ILE A 234 -9.90 30.55 -19.10
CA ILE A 234 -8.47 30.82 -19.23
C ILE A 234 -7.94 31.47 -17.97
N LEU A 235 -8.70 32.43 -17.40
CA LEU A 235 -8.23 33.11 -16.20
C LEU A 235 -8.38 32.23 -14.96
N PHE A 236 -9.12 31.13 -15.04
CA PHE A 236 -9.41 30.34 -13.85
C PHE A 236 -8.58 29.06 -13.75
N TYR A 237 -8.46 28.29 -14.83
CA TYR A 237 -7.85 26.97 -14.70
C TYR A 237 -6.40 26.99 -14.22
N PRO A 238 -5.59 28.02 -14.51
CA PRO A 238 -4.31 28.15 -13.79
C PRO A 238 -4.48 28.13 -12.27
N ALA A 239 -5.56 28.72 -11.75
CA ALA A 239 -5.79 28.66 -10.30
C ALA A 239 -6.00 27.21 -9.84
N MET A 240 -6.73 26.42 -10.64
CA MET A 240 -6.95 25.02 -10.27
C MET A 240 -5.64 24.23 -10.27
N MET A 241 -4.81 24.41 -11.31
CA MET A 241 -3.53 23.71 -11.29
C MET A 241 -2.63 24.18 -10.16
N PHE A 242 -2.66 25.48 -9.83
CA PHE A 242 -1.91 25.99 -8.69
C PHE A 242 -2.38 25.33 -7.39
N ALA A 243 -3.69 25.22 -7.21
CA ALA A 243 -4.23 24.57 -6.02
C ALA A 243 -3.82 23.11 -5.96
N SER A 244 -3.83 22.42 -7.10
CA SER A 244 -3.40 21.02 -7.11
C SER A 244 -1.94 20.90 -6.69
N ARG A 245 -1.08 21.75 -7.23
CA ARG A 245 0.33 21.71 -6.87
C ARG A 245 0.54 22.00 -5.38
N LEU A 246 -0.18 22.99 -4.85
CA LEU A 246 -0.06 23.32 -3.44
C LEU A 246 -0.52 22.16 -2.56
N THR A 247 -1.61 21.50 -2.95
CA THR A 247 -2.08 20.34 -2.21
C THR A 247 -1.05 19.22 -2.23
N ALA A 248 -0.42 19.00 -3.38
CA ALA A 248 0.63 17.98 -3.47
C ALA A 248 1.79 18.31 -2.53
N TYR A 249 2.19 19.58 -2.49
CA TYR A 249 3.28 19.99 -1.60
C TYR A 249 2.92 19.77 -0.14
N PHE A 250 1.72 20.15 0.26
CA PHE A 250 1.31 19.95 1.65
C PHE A 250 1.19 18.47 1.98
N ARG A 251 0.74 17.65 1.03
CA ARG A 251 0.69 16.21 1.25
C ARG A 251 2.10 15.65 1.42
N ARG A 252 3.05 16.15 0.64
CA ARG A 252 4.45 15.73 0.82
C ARG A 252 4.95 16.10 2.21
N LYS A 253 4.48 17.21 2.76
CA LYS A 253 4.83 17.54 4.14
C LYS A 253 4.22 16.55 5.13
N CYS A 254 2.91 16.30 5.02
CA CYS A 254 2.27 15.53 6.08
C CYS A 254 2.62 14.04 6.00
N VAL A 255 3.07 13.56 4.83
CA VAL A 255 3.49 12.15 4.79
C VAL A 255 4.74 11.94 5.65
N ALA A 256 5.70 12.88 5.57
CA ALA A 256 6.85 12.80 6.46
C ALA A 256 6.45 12.98 7.91
N ALA A 257 5.51 13.90 8.17
CA ALA A 257 5.05 14.10 9.55
C ALA A 257 4.48 12.80 10.12
N THR A 258 3.60 12.14 9.37
CA THR A 258 2.97 10.92 9.87
C THR A 258 3.95 9.75 9.88
N ASP A 259 4.97 9.77 9.03
CA ASP A 259 6.03 8.77 9.13
C ASP A 259 6.74 8.91 10.48
N GLU A 260 7.07 10.14 10.87
CA GLU A 260 7.67 10.37 12.18
C GLU A 260 6.74 9.89 13.29
N ARG A 261 5.45 10.22 13.19
CA ARG A 261 4.50 9.84 14.22
C ARG A 261 4.39 8.32 14.35
N VAL A 262 4.31 7.61 13.22
CA VAL A 262 4.16 6.16 13.27
C VAL A 262 5.45 5.50 13.76
N GLN A 263 6.61 6.06 13.44
CA GLN A 263 7.85 5.54 14.01
C GLN A 263 7.85 5.68 15.52
N LYS A 264 7.39 6.84 16.02
CA LYS A 264 7.31 7.02 17.47
C LYS A 264 6.32 6.03 18.09
N MET A 265 5.18 5.80 17.42
CA MET A 265 4.20 4.84 17.92
C MET A 265 4.79 3.45 18.01
N ASN A 266 5.50 3.01 16.96
CA ASN A 266 6.13 1.70 17.00
C ASN A 266 7.16 1.62 18.12
N GLU A 267 7.94 2.68 18.29
CA GLU A 267 8.95 2.69 19.35
C GLU A 267 8.31 2.56 20.72
N VAL A 268 7.23 3.30 20.98
CA VAL A 268 6.63 3.26 22.31
C VAL A 268 5.93 1.93 22.54
N LEU A 269 5.27 1.37 21.52
CA LEU A 269 4.54 0.13 21.74
C LEU A 269 5.47 -1.08 21.75
N THR A 270 6.71 -0.93 21.28
CA THR A 270 7.65 -2.04 21.30
C THR A 270 7.97 -2.47 22.73
N TYR A 271 8.11 -1.50 23.64
CA TYR A 271 8.47 -1.75 25.03
C TYR A 271 7.37 -1.27 25.96
N ILE A 272 6.14 -1.66 25.65
CA ILE A 272 4.98 -1.17 26.40
C ILE A 272 5.10 -1.56 27.87
N LYS A 273 5.47 -2.80 28.14
CA LYS A 273 5.66 -3.24 29.53
C LYS A 273 6.76 -2.45 30.22
N PHE A 274 7.88 -2.24 29.53
CA PHE A 274 9.00 -1.52 30.12
C PHE A 274 8.57 -0.14 30.60
N ILE A 275 7.74 0.53 29.81
CA ILE A 275 7.10 1.76 30.28
C ILE A 275 6.12 1.46 31.40
N LYS A 276 5.50 0.28 31.37
CA LYS A 276 4.39 0.00 32.27
C LYS A 276 4.84 -0.01 33.74
N MET A 277 5.97 -0.64 34.05
CA MET A 277 6.35 -0.57 35.47
C MET A 277 7.12 0.70 35.82
N TYR A 278 7.39 1.59 34.86
CA TYR A 278 8.08 2.83 35.18
C TYR A 278 7.14 4.02 35.37
N ALA A 279 5.91 3.92 34.87
CA ALA A 279 4.94 5.02 34.94
C ALA A 279 5.46 6.28 34.26
N TRP A 280 5.99 6.11 33.05
CA TRP A 280 6.47 7.21 32.21
C TRP A 280 5.48 7.56 31.11
N VAL A 281 4.23 7.15 31.24
CA VAL A 281 3.26 7.24 30.14
C VAL A 281 3.10 8.68 29.68
N LYS A 282 3.09 9.62 30.63
CA LYS A 282 2.75 11.00 30.31
C LYS A 282 3.73 11.62 29.32
N ALA A 283 5.01 11.26 29.41
CA ALA A 283 6.01 11.88 28.54
C ALA A 283 5.77 11.54 27.07
N PHE A 284 5.65 10.25 26.76
CA PHE A 284 5.37 9.87 25.38
C PHE A 284 3.96 10.28 24.98
N SER A 285 3.02 10.34 25.92
CA SER A 285 1.70 10.86 25.61
C SER A 285 1.79 12.29 25.09
N GLN A 286 2.53 13.14 25.80
CA GLN A 286 2.68 14.54 25.37
C GLN A 286 3.45 14.65 24.06
N SER A 287 4.49 13.81 23.88
CA SER A 287 5.23 13.84 22.63
C SER A 287 4.34 13.47 21.44
N VAL A 288 3.55 12.41 21.60
CA VAL A 288 2.61 12.02 20.56
C VAL A 288 1.61 13.13 20.32
N GLN A 289 1.17 13.81 21.39
CA GLN A 289 0.22 14.89 21.24
C GLN A 289 0.78 16.03 20.41
N LYS A 290 2.04 16.43 20.65
CA LYS A 290 2.59 17.55 19.88
C LYS A 290 2.84 17.16 18.44
N ILE A 291 3.32 15.92 18.20
CA ILE A 291 3.47 15.47 16.82
C ILE A 291 2.10 15.46 16.13
N ARG A 292 1.07 15.02 16.85
CA ARG A 292 -0.28 14.99 16.32
C ARG A 292 -0.77 16.39 15.99
N GLU A 293 -0.44 17.37 16.83
CA GLU A 293 -0.90 18.73 16.55
C GLU A 293 -0.17 19.33 15.35
N GLU A 294 1.11 19.01 15.18
CA GLU A 294 1.82 19.47 13.98
C GLU A 294 1.19 18.88 12.72
N GLU A 295 0.98 17.56 12.71
CA GLU A 295 0.37 16.95 11.55
C GLU A 295 -1.06 17.43 11.35
N ARG A 296 -1.77 17.78 12.44
CA ARG A 296 -3.11 18.31 12.30
C ARG A 296 -3.10 19.69 11.66
N ARG A 297 -2.09 20.51 11.98
CA ARG A 297 -1.98 21.81 11.31
C ARG A 297 -1.73 21.63 9.81
N ILE A 298 -0.83 20.71 9.45
CA ILE A 298 -0.57 20.47 8.03
C ILE A 298 -1.84 19.97 7.34
N LEU A 299 -2.57 19.07 8.00
CA LEU A 299 -3.83 18.59 7.44
C LEU A 299 -4.86 19.70 7.32
N GLU A 300 -4.89 20.64 8.26
CA GLU A 300 -5.81 21.77 8.13
C GLU A 300 -5.52 22.56 6.86
N LYS A 301 -4.24 22.86 6.62
CA LYS A 301 -3.89 23.61 5.41
C LYS A 301 -4.29 22.83 4.15
N ALA A 302 -3.96 21.53 4.12
CA ALA A 302 -4.30 20.71 2.96
C ALA A 302 -5.80 20.65 2.77
N GLY A 303 -6.57 20.56 3.86
CA GLY A 303 -8.01 20.52 3.75
C GLY A 303 -8.61 21.81 3.24
N TYR A 304 -8.08 22.95 3.71
CA TYR A 304 -8.52 24.22 3.16
C TYR A 304 -8.35 24.24 1.66
N PHE A 305 -7.16 23.89 1.17
CA PHE A 305 -6.94 23.95 -0.28
C PHE A 305 -7.83 22.95 -1.02
N GLN A 306 -7.95 21.73 -0.50
CA GLN A 306 -8.80 20.72 -1.15
C GLN A 306 -10.24 21.20 -1.26
N SER A 307 -10.82 21.65 -0.15
CA SER A 307 -12.21 22.11 -0.18
C SER A 307 -12.36 23.36 -1.03
N ILE A 308 -11.28 24.14 -1.19
CA ILE A 308 -11.32 25.23 -2.15
C ILE A 308 -11.51 24.69 -3.57
N THR A 309 -10.80 23.62 -3.91
CA THR A 309 -10.77 23.12 -5.28
C THR A 309 -11.75 21.98 -5.54
N VAL A 310 -12.92 21.96 -4.90
CA VAL A 310 -13.83 20.82 -5.03
C VAL A 310 -14.88 21.04 -6.12
N GLY A 311 -15.75 22.03 -5.95
CA GLY A 311 -16.97 22.10 -6.74
C GLY A 311 -17.09 23.31 -7.64
N VAL A 312 -16.01 23.64 -8.37
CA VAL A 312 -15.93 24.91 -9.08
C VAL A 312 -16.87 25.03 -10.28
N ALA A 313 -17.39 23.92 -10.80
CA ALA A 313 -18.13 23.99 -12.07
C ALA A 313 -19.37 24.89 -12.00
N PRO A 314 -20.31 24.69 -11.07
CA PRO A 314 -21.40 25.68 -10.97
C PRO A 314 -20.90 27.07 -10.62
N ILE A 315 -19.86 27.16 -9.80
CA ILE A 315 -19.27 28.45 -9.48
C ILE A 315 -18.69 29.10 -10.73
N VAL A 316 -18.01 28.31 -11.56
CA VAL A 316 -17.41 28.85 -12.78
C VAL A 316 -18.51 29.36 -13.72
N VAL A 317 -19.57 28.58 -13.90
CA VAL A 317 -20.61 29.00 -14.82
C VAL A 317 -21.34 30.23 -14.29
N VAL A 318 -21.56 30.29 -12.97
CA VAL A 318 -22.21 31.46 -12.38
C VAL A 318 -21.34 32.70 -12.57
N ILE A 319 -20.03 32.58 -12.33
CA ILE A 319 -19.13 33.71 -12.49
C ILE A 319 -19.12 34.19 -13.94
N ALA A 320 -19.04 33.26 -14.88
CA ALA A 320 -19.07 33.64 -16.29
C ALA A 320 -20.35 34.37 -16.62
N SER A 321 -21.49 33.85 -16.15
CA SER A 321 -22.78 34.47 -16.46
C SER A 321 -22.85 35.88 -15.89
N VAL A 322 -22.50 36.06 -14.61
CA VAL A 322 -22.63 37.37 -13.99
C VAL A 322 -21.72 38.37 -14.69
N VAL A 323 -20.45 38.01 -14.93
CA VAL A 323 -19.53 38.94 -15.56
C VAL A 323 -20.01 39.32 -16.95
N THR A 324 -20.34 38.31 -17.77
CA THR A 324 -20.74 38.58 -19.15
C THR A 324 -21.98 39.44 -19.20
N PHE A 325 -22.99 39.14 -18.38
CA PHE A 325 -24.24 39.86 -18.51
C PHE A 325 -24.19 41.24 -17.88
N SER A 326 -23.42 41.42 -16.80
CA SER A 326 -23.20 42.75 -16.29
C SER A 326 -22.52 43.63 -17.34
N VAL A 327 -21.48 43.09 -17.99
CA VAL A 327 -20.81 43.85 -19.04
C VAL A 327 -21.75 44.17 -20.18
N HIS A 328 -22.54 43.18 -20.62
CA HIS A 328 -23.43 43.37 -21.76
C HIS A 328 -24.52 44.40 -21.46
N MET A 329 -25.11 44.33 -20.27
CA MET A 329 -26.21 45.23 -19.92
C MET A 329 -25.73 46.63 -19.58
N THR A 330 -24.54 46.77 -18.99
CA THR A 330 -24.06 48.11 -18.62
C THR A 330 -23.75 48.95 -19.85
N LEU A 331 -23.28 48.31 -20.93
CA LEU A 331 -22.86 49.05 -22.11
C LEU A 331 -23.97 49.29 -23.11
N GLY A 332 -25.23 49.23 -22.68
CA GLY A 332 -26.34 49.62 -23.52
C GLY A 332 -26.79 48.59 -24.54
N PHE A 333 -26.14 47.43 -24.60
CA PHE A 333 -26.58 46.40 -25.52
C PHE A 333 -27.90 45.78 -25.06
N ASP A 334 -28.66 45.28 -26.03
CA ASP A 334 -29.94 44.65 -25.73
C ASP A 334 -29.77 43.14 -25.65
N LEU A 335 -30.78 42.48 -25.07
CA LEU A 335 -30.73 41.04 -24.89
C LEU A 335 -32.14 40.49 -24.66
N THR A 336 -32.28 39.19 -24.82
CA THR A 336 -33.52 38.48 -24.52
C THR A 336 -33.18 37.21 -23.77
N ALA A 337 -34.22 36.52 -23.29
CA ALA A 337 -34.03 35.33 -22.48
C ALA A 337 -33.35 34.21 -23.26
N ALA A 338 -33.74 34.03 -24.53
CA ALA A 338 -33.25 32.90 -25.31
C ALA A 338 -31.74 32.92 -25.42
N GLN A 339 -31.17 34.09 -25.72
CA GLN A 339 -29.71 34.22 -25.79
C GLN A 339 -29.07 33.86 -24.45
N ALA A 340 -29.66 34.34 -23.35
CA ALA A 340 -29.10 34.08 -22.03
C ALA A 340 -29.04 32.58 -21.75
N PHE A 341 -30.13 31.87 -21.99
CA PHE A 341 -30.16 30.48 -21.60
C PHE A 341 -29.38 29.59 -22.56
N THR A 342 -29.32 29.96 -23.85
CA THR A 342 -28.38 29.28 -24.74
C THR A 342 -26.95 29.45 -24.24
N VAL A 343 -26.60 30.66 -23.82
CA VAL A 343 -25.26 30.92 -23.31
C VAL A 343 -24.97 30.04 -22.10
N VAL A 344 -25.89 29.98 -21.15
CA VAL A 344 -25.62 29.21 -19.94
C VAL A 344 -25.53 27.72 -20.23
N THR A 345 -26.36 27.21 -21.15
CA THR A 345 -26.28 25.79 -21.49
C THR A 345 -24.96 25.45 -22.18
N VAL A 346 -24.54 26.28 -23.13
CA VAL A 346 -23.26 26.05 -23.78
C VAL A 346 -22.14 26.09 -22.75
N PHE A 347 -22.23 27.03 -21.80
CA PHE A 347 -21.24 27.09 -20.73
C PHE A 347 -21.19 25.80 -19.94
N ASN A 348 -22.36 25.23 -19.63
CA ASN A 348 -22.38 23.92 -19.00
C ASN A 348 -21.64 22.89 -19.84
N SER A 349 -21.80 22.97 -21.16
CA SER A 349 -21.13 22.02 -22.05
C SER A 349 -19.61 22.12 -21.91
N MET A 350 -19.04 23.34 -22.03
CA MET A 350 -17.58 23.38 -21.92
C MET A 350 -17.12 23.07 -20.50
N THR A 351 -17.94 23.34 -19.48
CA THR A 351 -17.53 22.93 -18.14
C THR A 351 -17.40 21.41 -18.06
N PHE A 352 -18.34 20.68 -18.66
CA PHE A 352 -18.22 19.23 -18.73
C PHE A 352 -16.91 18.81 -19.40
N ALA A 353 -16.65 19.36 -20.58
CA ALA A 353 -15.48 18.92 -21.34
C ALA A 353 -14.17 19.23 -20.60
N LEU A 354 -14.06 20.43 -20.06
CA LEU A 354 -12.84 20.85 -19.38
C LEU A 354 -12.69 20.23 -18.01
N LYS A 355 -13.76 19.73 -17.39
CA LYS A 355 -13.62 18.88 -16.23
C LYS A 355 -13.17 17.48 -16.60
N VAL A 356 -13.48 17.02 -17.81
CA VAL A 356 -13.00 15.71 -18.25
C VAL A 356 -11.49 15.75 -18.52
N THR A 357 -11.01 16.80 -19.19
CA THR A 357 -9.65 16.77 -19.74
C THR A 357 -8.48 16.61 -18.76
N PRO A 358 -8.44 17.24 -17.58
CA PRO A 358 -7.14 17.38 -16.89
C PRO A 358 -6.56 16.06 -16.41
N PHE A 359 -7.38 15.15 -15.88
CA PHE A 359 -6.84 13.88 -15.45
C PHE A 359 -6.33 13.08 -16.65
N SER A 360 -6.92 13.29 -17.83
CA SER A 360 -6.37 12.69 -19.03
C SER A 360 -4.97 13.22 -19.32
N VAL A 361 -4.76 14.52 -19.16
CA VAL A 361 -3.42 15.06 -19.34
C VAL A 361 -2.45 14.42 -18.36
N LYS A 362 -2.86 14.29 -17.10
CA LYS A 362 -1.99 13.68 -16.08
C LYS A 362 -1.67 12.23 -16.43
N SER A 363 -2.67 11.49 -16.89
CA SER A 363 -2.45 10.10 -17.28
C SER A 363 -1.47 10.01 -18.45
N LEU A 364 -1.55 10.94 -19.40
CA LEU A 364 -0.60 10.94 -20.50
C LEU A 364 0.83 11.18 -20.00
N SER A 365 0.99 12.10 -19.05
CA SER A 365 2.32 12.34 -18.50
C SER A 365 2.86 11.08 -17.81
N GLU A 366 2.02 10.44 -16.99
CA GLU A 366 2.45 9.20 -16.32
C GLU A 366 2.79 8.12 -17.34
N ALA A 367 2.02 8.04 -18.42
CA ALA A 367 2.31 7.07 -19.48
C ALA A 367 3.67 7.34 -20.11
N SER A 368 3.99 8.61 -20.37
CA SER A 368 5.29 8.93 -20.93
C SER A 368 6.41 8.48 -20.00
N VAL A 369 6.25 8.72 -18.70
CA VAL A 369 7.26 8.27 -17.74
C VAL A 369 7.39 6.76 -17.78
N ALA A 370 6.26 6.05 -17.83
CA ALA A 370 6.29 4.59 -17.81
C ALA A 370 6.95 4.02 -19.06
N VAL A 371 6.65 4.58 -20.23
CA VAL A 371 7.27 4.04 -21.45
C VAL A 371 8.75 4.36 -21.48
N ASP A 372 9.17 5.51 -20.93
CA ASP A 372 10.59 5.76 -20.80
C ASP A 372 11.26 4.74 -19.90
N ARG A 373 10.60 4.38 -18.79
CA ARG A 373 11.14 3.33 -17.92
C ARG A 373 11.24 2.00 -18.67
N PHE A 374 10.23 1.69 -19.48
CA PHE A 374 10.27 0.44 -20.26
C PHE A 374 11.43 0.45 -21.25
N LYS A 375 11.66 1.58 -21.92
CA LYS A 375 12.79 1.68 -22.84
C LYS A 375 14.11 1.48 -22.09
N SER A 376 14.19 2.02 -20.87
CA SER A 376 15.36 1.74 -20.04
C SER A 376 15.50 0.26 -19.76
N LEU A 377 14.39 -0.42 -19.46
CA LEU A 377 14.40 -1.85 -19.23
C LEU A 377 14.30 -2.68 -20.51
N PHE A 378 14.60 -2.07 -21.66
CA PHE A 378 14.60 -2.79 -22.92
C PHE A 378 15.98 -2.86 -23.57
N LEU A 379 16.97 -2.14 -23.04
CA LEU A 379 18.25 -1.96 -23.72
C LEU A 379 19.41 -2.36 -22.81
N MET A 380 19.33 -3.53 -22.20
CA MET A 380 20.46 -4.07 -21.45
C MET A 380 21.08 -5.23 -22.22
N GLU A 381 22.12 -5.82 -21.63
CA GLU A 381 22.81 -6.94 -22.25
C GLU A 381 22.05 -8.24 -22.00
N GLU A 382 21.95 -9.04 -23.05
CA GLU A 382 21.24 -10.32 -22.99
C GLU A 382 22.23 -11.43 -22.70
N VAL A 383 21.82 -12.38 -21.86
CA VAL A 383 22.66 -13.50 -21.48
C VAL A 383 22.81 -14.44 -22.66
N HIS A 384 24.05 -14.77 -23.00
CA HIS A 384 24.37 -15.64 -24.12
C HIS A 384 24.58 -17.07 -23.64
N MET A 385 24.58 -18.00 -24.59
CA MET A 385 24.84 -19.40 -24.32
C MET A 385 25.93 -19.91 -25.25
N ILE A 386 26.82 -20.73 -24.70
CA ILE A 386 27.93 -21.27 -25.47
C ILE A 386 27.50 -22.62 -26.04
N LYS A 387 27.21 -22.64 -27.34
CA LYS A 387 26.72 -23.84 -28.00
C LYS A 387 27.77 -24.50 -28.89
N ASN A 388 29.04 -24.19 -28.69
CA ASN A 388 30.11 -24.83 -29.46
C ASN A 388 30.31 -26.26 -28.94
N LYS A 389 30.06 -27.24 -29.80
CA LYS A 389 30.16 -28.63 -29.38
C LYS A 389 31.63 -29.04 -29.27
N PRO A 390 31.94 -29.97 -28.36
CA PRO A 390 33.31 -30.43 -28.20
C PRO A 390 33.71 -31.37 -29.33
N ALA A 391 35.01 -31.68 -29.36
CA ALA A 391 35.54 -32.57 -30.39
C ALA A 391 34.93 -33.97 -30.28
N SER A 392 34.81 -34.49 -29.07
CA SER A 392 34.23 -35.81 -28.85
C SER A 392 33.18 -35.74 -27.75
N PRO A 393 32.14 -36.58 -27.82
CA PRO A 393 31.16 -36.62 -26.73
C PRO A 393 31.75 -37.07 -25.41
N HIS A 394 32.87 -37.79 -25.44
CA HIS A 394 33.51 -38.23 -24.20
C HIS A 394 33.94 -37.04 -23.35
N ILE A 395 34.49 -36.00 -23.98
CA ILE A 395 34.87 -34.77 -23.29
C ILE A 395 33.64 -33.86 -23.23
N LYS A 396 32.84 -34.01 -22.18
CA LYS A 396 31.62 -33.23 -22.02
C LYS A 396 31.90 -31.73 -21.91
N ILE A 397 32.91 -31.36 -21.13
CA ILE A 397 33.29 -29.96 -20.96
C ILE A 397 34.70 -29.77 -21.51
N GLU A 398 34.86 -28.76 -22.36
CA GLU A 398 36.16 -28.45 -22.95
C GLU A 398 36.30 -26.94 -23.04
N MET A 399 37.48 -26.44 -22.68
CA MET A 399 37.74 -25.02 -22.66
C MET A 399 39.24 -24.82 -22.77
N LYS A 400 39.65 -23.86 -23.61
CA LYS A 400 41.05 -23.68 -23.95
C LYS A 400 41.40 -22.19 -23.88
N ASN A 401 42.25 -21.83 -22.92
CA ASN A 401 42.91 -20.53 -22.83
C ASN A 401 41.93 -19.38 -23.02
N ALA A 402 40.98 -19.28 -22.11
CA ALA A 402 40.00 -18.21 -22.11
C ALA A 402 40.18 -17.34 -20.88
N THR A 403 40.11 -16.03 -21.06
CA THR A 403 40.18 -15.07 -19.97
C THR A 403 38.89 -14.27 -19.94
N LEU A 404 38.52 -13.78 -18.76
CA LEU A 404 37.25 -13.11 -18.57
C LEU A 404 37.41 -11.94 -17.60
N ALA A 405 36.48 -10.99 -17.67
CA ALA A 405 36.45 -9.83 -16.79
C ALA A 405 35.01 -9.57 -16.37
N TRP A 406 34.76 -9.64 -15.06
CA TRP A 406 33.41 -9.44 -14.55
C TRP A 406 32.85 -8.09 -14.99
N ASP A 407 31.63 -8.11 -15.49
CA ASP A 407 30.94 -6.90 -15.95
C ASP A 407 30.35 -6.18 -14.74
N SER A 408 30.47 -4.85 -14.74
CA SER A 408 29.95 -4.05 -13.64
C SER A 408 29.54 -2.66 -14.12
N GLN A 482 37.58 -5.31 -15.00
CA GLN A 482 37.83 -6.11 -13.81
C GLN A 482 38.21 -7.54 -14.19
N ARG A 483 39.43 -7.70 -14.69
CA ARG A 483 39.90 -9.02 -15.10
C ARG A 483 40.15 -9.91 -13.89
N THR A 484 39.61 -11.13 -13.93
CA THR A 484 39.73 -12.05 -12.81
C THR A 484 40.50 -13.31 -13.19
N LEU A 485 40.07 -13.98 -14.26
CA LEU A 485 40.60 -15.28 -14.64
C LEU A 485 41.53 -15.12 -15.83
N HIS A 486 42.71 -15.75 -15.75
CA HIS A 486 43.72 -15.60 -16.79
C HIS A 486 44.37 -16.94 -17.08
N SER A 487 44.46 -17.28 -18.37
CA SER A 487 45.25 -18.40 -18.87
C SER A 487 44.87 -19.71 -18.17
N ILE A 488 43.63 -20.14 -18.42
CA ILE A 488 43.08 -21.36 -17.82
C ILE A 488 43.10 -22.46 -18.87
N ASP A 489 43.55 -23.65 -18.46
CA ASP A 489 43.55 -24.84 -19.32
C ASP A 489 42.94 -25.98 -18.51
N LEU A 490 41.73 -26.40 -18.89
CA LEU A 490 41.00 -27.43 -18.17
C LEU A 490 40.44 -28.45 -19.15
N GLU A 491 40.34 -29.69 -18.68
CA GLU A 491 39.74 -30.77 -19.46
C GLU A 491 39.23 -31.82 -18.49
N ILE A 492 37.92 -32.09 -18.55
CA ILE A 492 37.28 -33.05 -17.66
C ILE A 492 36.51 -34.05 -18.52
N GLN A 493 36.71 -35.34 -18.26
CA GLN A 493 36.04 -36.40 -18.98
C GLN A 493 34.83 -36.89 -18.21
N GLU A 494 33.96 -37.61 -18.90
CA GLU A 494 32.74 -38.11 -18.28
C GLU A 494 33.05 -39.20 -17.26
N GLY A 495 32.24 -39.25 -16.21
CA GLY A 495 32.40 -40.25 -15.17
C GLY A 495 33.49 -39.96 -14.16
N LYS A 496 34.15 -38.81 -14.24
CA LYS A 496 35.24 -38.47 -13.34
C LYS A 496 34.78 -37.38 -12.38
N LEU A 497 35.00 -37.60 -11.09
CA LEU A 497 34.67 -36.62 -10.06
C LEU A 497 35.86 -35.70 -9.86
N VAL A 498 35.65 -34.40 -10.03
CA VAL A 498 36.70 -33.40 -9.90
C VAL A 498 36.34 -32.45 -8.77
N GLY A 499 37.27 -32.25 -7.86
CA GLY A 499 37.09 -31.33 -6.74
C GLY A 499 37.77 -30.01 -7.00
N ILE A 500 37.26 -28.95 -6.38
CA ILE A 500 37.80 -27.61 -6.53
C ILE A 500 38.25 -27.13 -5.16
N CYS A 501 39.50 -26.67 -5.08
CA CYS A 501 40.08 -26.17 -3.84
C CYS A 501 40.48 -24.71 -4.02
N GLY A 502 40.15 -23.90 -3.03
CA GLY A 502 40.49 -22.49 -3.08
C GLY A 502 39.94 -21.76 -1.88
N SER A 503 40.16 -20.45 -1.87
CA SER A 503 39.73 -19.57 -0.80
C SER A 503 38.58 -18.68 -1.31
N VAL A 504 38.01 -17.89 -0.40
CA VAL A 504 36.94 -16.98 -0.77
C VAL A 504 37.51 -15.85 -1.62
N GLY A 505 36.86 -15.57 -2.74
CA GLY A 505 37.34 -14.58 -3.67
C GLY A 505 38.42 -15.05 -4.61
N SER A 506 38.82 -16.32 -4.52
CA SER A 506 39.84 -16.84 -5.43
C SER A 506 39.32 -16.91 -6.86
N GLY A 507 38.03 -17.18 -7.03
CA GLY A 507 37.45 -17.26 -8.36
C GLY A 507 36.59 -18.48 -8.60
N LYS A 508 36.29 -19.23 -7.52
CA LYS A 508 35.43 -20.39 -7.65
C LYS A 508 34.06 -20.01 -8.17
N THR A 509 33.41 -19.04 -7.51
CA THR A 509 32.11 -18.57 -7.95
C THR A 509 32.20 -17.99 -9.35
N SER A 510 33.27 -17.25 -9.63
CA SER A 510 33.45 -16.68 -10.96
C SER A 510 33.55 -17.76 -12.02
N LEU A 511 34.31 -18.82 -11.75
CA LEU A 511 34.48 -19.87 -12.76
C LEU A 511 33.18 -20.65 -12.97
N ILE A 512 32.47 -20.97 -11.90
CA ILE A 512 31.23 -21.72 -12.11
C ILE A 512 30.19 -20.84 -12.83
N SER A 513 30.15 -19.55 -12.52
CA SER A 513 29.25 -18.66 -13.24
C SER A 513 29.63 -18.56 -14.71
N ALA A 514 30.94 -18.49 -15.01
CA ALA A 514 31.38 -18.44 -16.40
C ALA A 514 30.98 -19.69 -17.15
N ILE A 515 31.15 -20.85 -16.52
CA ILE A 515 30.69 -22.09 -17.15
C ILE A 515 29.17 -22.07 -17.32
N LEU A 516 28.46 -21.46 -16.39
CA LEU A 516 27.00 -21.39 -16.48
C LEU A 516 26.53 -20.59 -17.70
N GLY A 517 27.39 -19.75 -18.26
CA GLY A 517 27.06 -19.00 -19.45
C GLY A 517 26.70 -17.54 -19.22
N GLN A 518 26.86 -17.02 -18.01
CA GLN A 518 26.62 -15.61 -17.75
C GLN A 518 27.82 -14.74 -18.10
N MET A 519 28.90 -15.33 -18.56
CA MET A 519 30.12 -14.60 -18.90
C MET A 519 30.38 -14.69 -20.41
N THR A 520 30.94 -13.62 -20.97
CA THR A 520 31.23 -13.59 -22.39
C THR A 520 32.51 -14.36 -22.69
N LEU A 521 32.78 -14.53 -23.98
CA LEU A 521 33.96 -15.26 -24.45
C LEU A 521 34.94 -14.28 -25.08
N LEU A 522 36.17 -14.26 -24.54
CA LEU A 522 37.20 -13.34 -25.00
C LEU A 522 38.27 -14.03 -25.84
N GLU A 523 38.85 -15.11 -25.35
CA GLU A 523 39.91 -15.82 -26.06
C GLU A 523 39.58 -17.29 -26.13
N GLY A 524 40.06 -17.93 -27.20
CA GLY A 524 39.82 -19.34 -27.40
C GLY A 524 38.33 -19.62 -27.60
N SER A 525 37.93 -20.81 -27.13
CA SER A 525 36.53 -21.21 -27.19
C SER A 525 36.24 -22.15 -26.04
N ILE A 526 34.96 -22.24 -25.68
CA ILE A 526 34.48 -23.13 -24.64
C ILE A 526 33.52 -24.12 -25.28
N ALA A 527 33.73 -25.40 -24.99
CA ALA A 527 32.89 -26.46 -25.54
C ALA A 527 32.04 -27.06 -24.43
N ILE A 528 30.72 -27.01 -24.59
CA ILE A 528 29.78 -27.50 -23.60
C ILE A 528 28.83 -28.46 -24.29
N SER A 529 28.68 -29.66 -23.72
CA SER A 529 27.77 -30.65 -24.24
C SER A 529 26.94 -31.25 -23.11
N GLY A 530 25.69 -31.57 -23.42
CA GLY A 530 24.80 -32.19 -22.47
C GLY A 530 24.12 -31.17 -21.56
N THR A 531 23.19 -31.68 -20.75
CA THR A 531 22.47 -30.84 -19.82
C THR A 531 23.34 -30.52 -18.61
N PHE A 532 22.82 -29.64 -17.76
CA PHE A 532 23.53 -29.17 -16.57
C PHE A 532 22.66 -29.34 -15.34
N ALA A 533 23.29 -29.60 -14.21
CA ALA A 533 22.63 -29.66 -12.91
C ALA A 533 23.32 -28.71 -11.95
N TYR A 534 22.55 -27.82 -11.33
CA TYR A 534 23.09 -26.78 -10.47
C TYR A 534 22.39 -26.80 -9.12
N VAL A 535 23.19 -26.60 -8.06
CA VAL A 535 22.69 -26.44 -6.71
C VAL A 535 23.18 -25.09 -6.19
N ALA A 536 22.28 -24.31 -5.59
CA ALA A 536 22.57 -22.93 -5.23
C ALA A 536 23.15 -22.83 -3.83
N GLN A 537 24.01 -21.82 -3.65
CA GLN A 537 24.47 -21.48 -2.31
C GLN A 537 23.31 -21.00 -1.44
N GLN A 538 22.41 -20.20 -2.01
CA GLN A 538 21.27 -19.69 -1.28
C GLN A 538 20.13 -20.70 -1.17
N ALA A 539 20.17 -21.78 -1.94
CA ALA A 539 19.17 -22.85 -1.91
C ALA A 539 17.76 -22.27 -2.18
N TRP A 540 17.59 -21.80 -3.40
CA TRP A 540 16.30 -21.25 -3.82
C TRP A 540 15.21 -22.30 -3.69
N ILE A 541 14.07 -21.89 -3.14
CA ILE A 541 12.94 -22.77 -2.88
C ILE A 541 11.76 -22.31 -3.72
N LEU A 542 11.16 -23.23 -4.47
CA LEU A 542 10.00 -22.90 -5.27
C LEU A 542 8.79 -22.66 -4.37
N ASN A 543 7.95 -21.70 -4.76
CA ASN A 543 6.75 -21.36 -4.00
C ASN A 543 5.65 -22.37 -4.33
N ALA A 544 5.83 -23.57 -3.80
CA ALA A 544 4.88 -24.66 -3.99
C ALA A 544 5.06 -25.66 -2.84
N THR A 545 4.39 -26.79 -2.94
CA THR A 545 4.50 -27.82 -1.92
C THR A 545 5.76 -28.65 -2.14
N LEU A 546 5.97 -29.61 -1.23
CA LEU A 546 7.16 -30.47 -1.33
C LEU A 546 7.14 -31.31 -2.60
N ARG A 547 5.97 -31.85 -2.96
CA ARG A 547 5.89 -32.78 -4.08
C ARG A 547 6.01 -32.08 -5.43
N ASP A 548 5.85 -30.76 -5.46
CA ASP A 548 5.88 -30.06 -6.74
C ASP A 548 7.31 -29.77 -7.20
N ASN A 549 8.10 -29.09 -6.39
CA ASN A 549 9.43 -28.66 -6.78
C ASN A 549 10.42 -29.80 -6.90
N ILE A 550 10.14 -30.96 -6.29
CA ILE A 550 11.03 -32.10 -6.43
C ILE A 550 11.00 -32.67 -7.85
N LEU A 551 9.81 -32.73 -8.46
CA LEU A 551 9.72 -33.20 -9.84
C LEU A 551 10.22 -32.15 -10.81
N PHE A 552 9.92 -30.87 -10.56
CA PHE A 552 10.38 -29.76 -11.40
C PHE A 552 9.97 -29.96 -12.86
N GLY A 553 8.70 -30.28 -13.07
CA GLY A 553 8.17 -30.49 -14.39
C GLY A 553 8.32 -31.87 -14.96
N LYS A 554 8.83 -32.83 -14.17
CA LYS A 554 8.97 -34.20 -14.62
C LYS A 554 7.84 -35.06 -14.08
N GLU A 555 7.61 -36.20 -14.75
CA GLU A 555 6.56 -37.11 -14.34
C GLU A 555 6.89 -37.74 -12.99
N TYR A 556 5.84 -38.12 -12.26
CA TYR A 556 5.99 -38.64 -10.92
C TYR A 556 6.34 -40.13 -10.94
N ASP A 557 7.20 -40.53 -10.01
CA ASP A 557 7.54 -41.92 -9.79
C ASP A 557 7.53 -42.21 -8.30
N GLU A 558 7.35 -43.48 -7.94
CA GLU A 558 7.25 -43.86 -6.53
C GLU A 558 8.57 -44.37 -5.98
N GLU A 559 9.14 -45.41 -6.60
CA GLU A 559 10.38 -45.99 -6.09
C GLU A 559 11.53 -45.01 -6.20
N ARG A 560 11.64 -44.30 -7.33
CA ARG A 560 12.72 -43.34 -7.51
C ARG A 560 12.61 -42.20 -6.50
N TYR A 561 11.40 -41.67 -6.32
CA TYR A 561 11.21 -40.60 -5.36
C TYR A 561 11.53 -41.06 -3.94
N ASN A 562 11.09 -42.27 -3.58
CA ASN A 562 11.37 -42.79 -2.24
C ASN A 562 12.87 -42.98 -2.03
N SER A 563 13.57 -43.52 -3.03
CA SER A 563 15.01 -43.70 -2.90
C SER A 563 15.73 -42.37 -2.77
N VAL A 564 15.33 -41.37 -3.56
CA VAL A 564 15.96 -40.05 -3.48
C VAL A 564 15.70 -39.43 -2.11
N LEU A 565 14.46 -39.53 -1.62
CA LEU A 565 14.13 -38.97 -0.32
C LEU A 565 14.90 -39.64 0.81
N ASN A 566 15.01 -40.97 0.76
CA ASN A 566 15.76 -41.69 1.79
C ASN A 566 17.25 -41.40 1.70
N SER A 567 17.76 -41.12 0.51
CA SER A 567 19.17 -40.80 0.33
C SER A 567 19.59 -39.53 1.05
N CYS A 568 18.75 -38.49 1.04
CA CYS A 568 19.09 -37.20 1.62
C CYS A 568 18.52 -37.02 3.03
N CYS A 569 17.99 -38.08 3.63
CA CYS A 569 17.49 -38.06 5.00
C CYS A 569 16.39 -37.01 5.19
N LEU A 570 15.40 -37.05 4.29
CA LEU A 570 14.24 -36.18 4.38
C LEU A 570 13.15 -36.76 5.27
N ARG A 571 13.35 -37.96 5.81
CA ARG A 571 12.35 -38.56 6.71
C ARG A 571 12.07 -37.70 7.94
N PRO A 572 13.06 -37.12 8.63
CA PRO A 572 12.71 -36.20 9.73
C PRO A 572 11.87 -35.03 9.27
N ASP A 573 12.13 -34.49 8.08
CA ASP A 573 11.31 -33.41 7.56
C ASP A 573 9.88 -33.88 7.30
N LEU A 574 9.72 -35.11 6.81
CA LEU A 574 8.39 -35.66 6.59
C LEU A 574 7.66 -35.85 7.92
N ALA A 575 8.36 -36.32 8.95
CA ALA A 575 7.71 -36.63 10.22
C ALA A 575 7.36 -35.36 10.99
N ILE A 576 8.25 -34.36 10.97
CA ILE A 576 8.04 -33.16 11.79
C ILE A 576 6.78 -32.42 11.35
N LEU A 577 6.62 -32.22 10.05
CA LEU A 577 5.44 -31.52 9.55
C LEU A 577 4.34 -32.54 9.26
N PRO A 578 3.16 -32.43 9.88
CA PRO A 578 2.10 -33.42 9.65
C PRO A 578 1.65 -33.52 8.21
N SER A 579 1.64 -32.41 7.47
CA SER A 579 1.23 -32.39 6.08
C SER A 579 2.42 -32.02 5.20
N SER A 580 3.59 -32.55 5.54
CA SER A 580 4.83 -32.17 4.86
C SER A 580 4.76 -32.45 3.37
N ASP A 581 4.20 -33.60 2.99
CA ASP A 581 4.14 -33.97 1.58
C ASP A 581 3.31 -32.99 0.77
N LEU A 582 2.32 -32.36 1.40
CA LEU A 582 1.38 -31.47 0.70
C LEU A 582 1.24 -30.15 1.43
N THR A 583 2.36 -29.55 1.81
CA THR A 583 2.37 -28.24 2.47
C THR A 583 3.12 -27.27 1.57
N GLU A 584 2.46 -26.17 1.22
CA GLU A 584 3.10 -25.12 0.45
C GLU A 584 4.25 -24.50 1.24
N ILE A 585 5.38 -24.29 0.57
CA ILE A 585 6.56 -23.68 1.17
C ILE A 585 6.53 -22.19 0.86
N GLY A 586 6.75 -21.38 1.87
CA GLY A 586 6.79 -19.94 1.68
C GLY A 586 7.96 -19.51 0.82
N GLU A 587 7.79 -18.37 0.17
CA GLU A 587 8.80 -17.81 -0.72
C GLU A 587 10.10 -17.49 0.03
N LEU A 592 11.22 -22.39 7.09
CA LEU A 592 12.01 -23.61 7.19
C LEU A 592 13.43 -23.30 7.65
N SER A 593 14.27 -24.33 7.69
CA SER A 593 15.66 -24.20 8.07
C SER A 593 16.56 -24.30 6.84
N GLY A 594 17.75 -23.69 6.95
CA GLY A 594 18.67 -23.70 5.83
C GLY A 594 19.09 -25.10 5.43
N GLY A 595 19.27 -25.98 6.42
CA GLY A 595 19.59 -27.37 6.11
C GLY A 595 18.50 -28.06 5.32
N GLN A 596 17.24 -27.77 5.67
CA GLN A 596 16.13 -28.35 4.92
C GLN A 596 16.12 -27.87 3.47
N ARG A 597 16.36 -26.57 3.26
CA ARG A 597 16.43 -26.05 1.90
C ARG A 597 17.58 -26.69 1.13
N GLN A 598 18.74 -26.82 1.77
CA GLN A 598 19.88 -27.44 1.11
C GLN A 598 19.56 -28.88 0.72
N ARG A 599 18.97 -29.64 1.63
CA ARG A 599 18.71 -31.05 1.35
C ARG A 599 17.63 -31.23 0.29
N ILE A 600 16.60 -30.39 0.28
CA ILE A 600 15.60 -30.51 -0.78
C ILE A 600 16.18 -30.08 -2.12
N SER A 601 17.13 -29.14 -2.09
CA SER A 601 17.83 -28.77 -3.32
C SER A 601 18.63 -29.95 -3.87
N LEU A 602 19.34 -30.66 -2.99
CA LEU A 602 20.10 -31.83 -3.45
C LEU A 602 19.16 -32.92 -3.95
N ALA A 603 18.02 -33.11 -3.29
CA ALA A 603 17.05 -34.09 -3.75
C ALA A 603 16.52 -33.73 -5.14
N ARG A 604 16.24 -32.44 -5.35
CA ARG A 604 15.77 -31.98 -6.66
C ARG A 604 16.84 -32.21 -7.72
N ALA A 605 18.11 -31.93 -7.39
CA ALA A 605 19.18 -32.17 -8.33
C ALA A 605 19.30 -33.65 -8.68
N LEU A 606 19.18 -34.52 -7.67
CA LEU A 606 19.27 -35.95 -7.92
C LEU A 606 18.12 -36.44 -8.78
N TYR A 607 16.90 -35.96 -8.52
CA TYR A 607 15.76 -36.35 -9.33
C TYR A 607 15.81 -35.76 -10.73
N SER A 608 16.54 -34.66 -10.92
CA SER A 608 16.60 -34.02 -12.23
C SER A 608 17.21 -34.95 -13.27
N ASP A 609 18.29 -35.64 -12.92
CA ASP A 609 18.95 -36.60 -13.79
C ASP A 609 19.38 -35.96 -15.11
N ARG A 610 20.25 -34.97 -15.00
CA ARG A 610 20.82 -34.27 -16.15
C ARG A 610 22.11 -34.95 -16.56
N SER A 611 22.89 -34.29 -17.42
CA SER A 611 24.14 -34.84 -17.91
C SER A 611 25.32 -34.46 -17.01
N ILE A 612 25.55 -33.17 -16.82
CA ILE A 612 26.66 -32.66 -16.02
C ILE A 612 26.11 -32.14 -14.71
N TYR A 613 26.72 -32.56 -13.61
CA TYR A 613 26.26 -32.23 -12.26
C TYR A 613 27.32 -31.38 -11.59
N ILE A 614 27.12 -30.06 -11.59
CA ILE A 614 28.01 -29.18 -10.84
C ILE A 614 27.44 -28.96 -9.43
N LEU A 615 28.33 -28.66 -8.50
CA LEU A 615 27.94 -28.63 -7.09
C LEU A 615 28.90 -27.73 -6.32
N ASP A 616 28.34 -26.83 -5.51
CA ASP A 616 29.12 -25.93 -4.68
C ASP A 616 28.65 -26.03 -3.23
N ASP A 617 29.62 -26.19 -2.32
CA ASP A 617 29.50 -26.18 -0.86
C ASP A 617 28.15 -26.72 -0.37
N PRO A 618 27.85 -28.00 -0.60
CA PRO A 618 26.53 -28.51 -0.19
C PRO A 618 26.47 -28.79 1.31
N LEU A 619 27.59 -28.76 2.02
CA LEU A 619 27.64 -29.09 3.43
C LEU A 619 28.15 -27.93 4.27
N SER A 620 28.04 -26.71 3.74
CA SER A 620 28.47 -25.53 4.50
C SER A 620 27.54 -25.28 5.67
N ALA A 621 26.26 -25.05 5.39
CA ALA A 621 25.26 -24.89 6.44
C ALA A 621 24.76 -26.23 6.97
N LEU A 622 25.02 -27.32 6.27
CA LEU A 622 24.58 -28.64 6.70
C LEU A 622 25.45 -29.15 7.85
N ASP A 623 24.86 -29.98 8.70
CA ASP A 623 25.61 -30.60 9.78
C ASP A 623 26.64 -31.57 9.21
N ALA A 624 27.78 -31.66 9.90
CA ALA A 624 28.90 -32.43 9.39
C ALA A 624 28.56 -33.92 9.26
N HIS A 625 27.92 -34.49 10.28
CA HIS A 625 27.66 -35.92 10.26
C HIS A 625 26.65 -36.29 9.17
N VAL A 626 25.51 -35.60 9.14
CA VAL A 626 24.48 -35.92 8.15
C VAL A 626 24.97 -35.55 6.75
N GLY A 627 25.73 -34.47 6.63
CA GLY A 627 26.29 -34.11 5.35
C GLY A 627 27.26 -35.15 4.82
N ASN A 628 28.12 -35.68 5.70
CA ASN A 628 29.05 -36.73 5.30
C ASN A 628 28.29 -37.99 4.90
N HIS A 629 27.25 -38.35 5.68
CA HIS A 629 26.45 -39.52 5.31
C HIS A 629 25.79 -39.34 3.96
N ILE A 630 25.24 -38.15 3.70
CA ILE A 630 24.60 -37.87 2.42
C ILE A 630 25.61 -37.96 1.28
N PHE A 631 26.80 -37.37 1.49
CA PHE A 631 27.83 -37.44 0.47
C PHE A 631 28.20 -38.88 0.16
N ASN A 632 28.43 -39.69 1.20
CA ASN A 632 28.80 -41.08 1.00
C ASN A 632 27.70 -41.86 0.29
N SER A 633 26.44 -41.62 0.67
CA SER A 633 25.33 -42.41 0.14
C SER A 633 24.85 -41.92 -1.23
N ALA A 634 25.22 -40.71 -1.64
CA ALA A 634 24.75 -40.17 -2.91
C ALA A 634 25.87 -39.97 -3.92
N ILE A 635 26.90 -39.20 -3.58
CA ILE A 635 27.95 -38.93 -4.56
C ILE A 635 28.79 -40.17 -4.82
N ARG A 636 29.12 -40.90 -3.75
CA ARG A 636 29.91 -42.13 -3.90
C ARG A 636 29.08 -43.33 -4.31
N LYS A 637 27.75 -43.19 -4.38
CA LYS A 637 26.88 -44.30 -4.77
C LYS A 637 26.11 -44.00 -6.04
N HIS A 638 25.40 -42.88 -6.11
CA HIS A 638 24.48 -42.63 -7.22
C HIS A 638 25.18 -42.12 -8.47
N LEU A 639 26.03 -41.11 -8.34
CA LEU A 639 26.60 -40.41 -9.49
C LEU A 639 28.01 -40.89 -9.81
N LYS A 640 28.27 -42.19 -9.64
CA LYS A 640 29.58 -42.76 -9.92
C LYS A 640 29.83 -42.94 -11.42
N SER A 641 28.82 -42.78 -12.26
CA SER A 641 28.96 -43.02 -13.69
C SER A 641 28.71 -41.78 -14.54
N LYS A 642 28.62 -40.59 -13.94
CA LYS A 642 28.37 -39.36 -14.68
C LYS A 642 29.34 -38.28 -14.21
N THR A 643 29.51 -37.26 -15.05
CA THR A 643 30.41 -36.16 -14.73
C THR A 643 29.86 -35.36 -13.55
N VAL A 644 30.68 -35.18 -12.53
CA VAL A 644 30.30 -34.43 -11.33
C VAL A 644 31.44 -33.46 -11.00
N LEU A 645 31.07 -32.19 -10.77
CA LEU A 645 32.03 -31.18 -10.35
C LEU A 645 31.76 -30.80 -8.91
N PHE A 646 32.77 -30.93 -8.07
CA PHE A 646 32.64 -30.69 -6.63
C PHE A 646 33.38 -29.41 -6.26
N VAL A 647 32.66 -28.49 -5.64
CA VAL A 647 33.24 -27.27 -5.08
C VAL A 647 32.80 -27.18 -3.62
N THR A 648 33.75 -26.94 -2.72
CA THR A 648 33.43 -26.86 -1.31
C THR A 648 34.52 -26.06 -0.60
N HIS A 649 34.14 -25.45 0.52
CA HIS A 649 35.08 -24.75 1.38
C HIS A 649 35.81 -25.68 2.34
N GLN A 650 35.43 -26.96 2.38
CA GLN A 650 36.05 -27.94 3.25
C GLN A 650 36.93 -28.86 2.40
N LEU A 651 38.20 -28.99 2.80
CA LEU A 651 39.17 -29.77 2.04
C LEU A 651 39.30 -31.20 2.52
N GLN A 652 38.52 -31.61 3.52
CA GLN A 652 38.60 -32.97 4.04
C GLN A 652 37.86 -34.00 3.19
N TYR A 653 37.00 -33.56 2.28
CA TYR A 653 36.23 -34.47 1.44
C TYR A 653 36.94 -34.83 0.14
N LEU A 654 38.08 -34.21 -0.15
CA LEU A 654 38.79 -34.44 -1.39
C LEU A 654 39.79 -35.58 -1.30
N VAL A 655 39.84 -36.28 -0.16
CA VAL A 655 40.73 -37.43 -0.03
C VAL A 655 40.31 -38.53 -1.00
N ASP A 656 39.02 -38.78 -1.11
CA ASP A 656 38.49 -39.85 -1.97
C ASP A 656 38.10 -39.36 -3.36
N CYS A 657 38.26 -38.07 -3.64
CA CYS A 657 37.90 -37.55 -4.95
C CYS A 657 38.85 -38.07 -6.02
N ASP A 658 38.30 -38.26 -7.22
CA ASP A 658 39.11 -38.76 -8.33
C ASP A 658 40.21 -37.77 -8.72
N GLU A 659 39.89 -36.49 -8.78
CA GLU A 659 40.85 -35.47 -9.17
C GLU A 659 40.58 -34.19 -8.38
N VAL A 660 41.65 -33.47 -8.08
CA VAL A 660 41.58 -32.24 -7.30
C VAL A 660 42.18 -31.10 -8.12
N ILE A 661 41.46 -29.99 -8.19
CA ILE A 661 41.91 -28.78 -8.86
C ILE A 661 41.96 -27.67 -7.82
N PHE A 662 43.12 -27.02 -7.71
CA PHE A 662 43.30 -25.90 -6.80
C PHE A 662 43.18 -24.61 -7.60
N MET A 663 42.31 -23.70 -7.13
CA MET A 663 42.03 -22.46 -7.82
C MET A 663 42.57 -21.31 -6.98
N LYS A 664 43.40 -20.46 -7.58
CA LYS A 664 44.06 -19.39 -6.83
C LYS A 664 44.24 -18.18 -7.72
N GLU A 665 43.67 -17.05 -7.31
CA GLU A 665 43.87 -15.76 -7.97
C GLU A 665 43.54 -15.80 -9.46
N GLY A 666 42.53 -16.57 -9.84
CA GLY A 666 42.11 -16.61 -11.22
C GLY A 666 43.10 -17.26 -12.17
N CYS A 667 44.07 -18.03 -11.67
CA CYS A 667 45.03 -18.73 -12.50
C CYS A 667 45.33 -20.08 -11.89
N ILE A 668 45.37 -21.12 -12.73
CA ILE A 668 45.65 -22.46 -12.25
C ILE A 668 47.12 -22.56 -11.88
N THR A 669 47.40 -23.03 -10.67
CA THR A 669 48.77 -23.14 -10.16
C THR A 669 49.19 -24.58 -9.95
N GLU A 670 48.39 -25.37 -9.24
CA GLU A 670 48.69 -26.77 -8.98
C GLU A 670 47.48 -27.63 -9.30
N ARG A 671 47.73 -28.78 -9.90
CA ARG A 671 46.65 -29.68 -10.28
C ARG A 671 47.20 -31.10 -10.38
N GLY A 672 46.29 -32.07 -10.34
CA GLY A 672 46.66 -33.46 -10.44
C GLY A 672 45.92 -34.34 -9.45
N THR A 673 46.49 -35.50 -9.13
CA THR A 673 45.91 -36.40 -8.15
C THR A 673 46.16 -35.89 -6.74
N HIS A 674 45.36 -36.39 -5.79
CA HIS A 674 45.46 -35.94 -4.41
C HIS A 674 46.81 -36.29 -3.81
N GLU A 675 47.22 -37.55 -3.92
CA GLU A 675 48.47 -37.98 -3.32
C GLU A 675 49.64 -37.16 -3.87
N GLU A 676 49.68 -36.97 -5.19
CA GLU A 676 50.67 -36.07 -5.77
C GLU A 676 50.47 -34.64 -5.29
N LEU A 677 49.24 -34.28 -4.91
CA LEU A 677 48.97 -32.89 -4.52
C LEU A 677 49.54 -32.58 -3.13
N MET A 678 49.54 -33.56 -2.22
CA MET A 678 50.39 -33.38 -1.04
C MET A 678 51.87 -33.68 -1.30
N ASN A 679 52.19 -34.50 -2.30
CA ASN A 679 53.59 -34.80 -2.58
C ASN A 679 54.34 -33.55 -3.03
N LEU A 680 53.72 -32.73 -3.87
CA LEU A 680 54.39 -31.54 -4.39
C LEU A 680 54.62 -30.48 -3.30
N ASN A 681 53.97 -30.62 -2.15
CA ASN A 681 54.22 -29.76 -0.98
C ASN A 681 54.01 -28.28 -1.32
N GLY A 682 52.94 -28.00 -2.05
CA GLY A 682 52.60 -26.65 -2.44
C GLY A 682 51.83 -25.92 -1.36
N ASP A 683 51.25 -24.79 -1.74
CA ASP A 683 50.46 -24.00 -0.80
C ASP A 683 49.19 -24.73 -0.36
N TYR A 684 48.78 -25.76 -1.09
CA TYR A 684 47.64 -26.56 -0.67
C TYR A 684 47.91 -27.25 0.66
N ALA A 685 49.12 -27.82 0.82
CA ALA A 685 49.45 -28.53 2.05
C ALA A 685 49.47 -27.59 3.25
N THR A 686 49.86 -26.33 3.04
CA THR A 686 49.87 -25.36 4.13
C THR A 686 48.47 -25.12 4.66
N ILE A 687 47.49 -24.99 3.78
CA ILE A 687 46.11 -24.81 4.22
C ILE A 687 45.45 -26.14 4.54
N PHE A 688 45.94 -27.26 3.99
CA PHE A 688 45.37 -28.56 4.31
C PHE A 688 45.56 -28.90 5.78
N ASN A 689 46.76 -28.63 6.31
CA ASN A 689 47.02 -28.90 7.72
C ASN A 689 46.39 -27.86 8.64
N ASN A 690 46.01 -26.69 8.11
CA ASN A 690 45.41 -25.65 8.93
C ASN A 690 44.10 -26.12 9.56
N LEU A 691 43.24 -26.76 8.76
CA LEU A 691 41.99 -27.26 9.30
C LEU A 691 42.20 -28.53 10.12
N LEU A 692 43.29 -29.25 9.91
CA LEU A 692 43.57 -30.43 10.72
C LEU A 692 43.82 -30.07 12.17
N LEU A 693 44.54 -28.98 12.42
CA LEU A 693 44.83 -28.54 13.77
C LEU A 693 43.60 -27.89 14.41
N SER A 747 -21.33 -4.54 4.61
CA SER A 747 -22.18 -3.39 4.94
C SER A 747 -22.04 -3.02 6.41
N VAL A 748 -22.46 -1.79 6.74
CA VAL A 748 -22.37 -1.30 8.12
C VAL A 748 -23.73 -0.76 8.55
N PRO A 749 -24.09 -0.91 9.81
CA PRO A 749 -25.39 -0.41 10.28
C PRO A 749 -25.30 1.09 10.59
N TRP A 750 -26.45 1.64 11.02
CA TRP A 750 -26.51 3.04 11.40
C TRP A 750 -25.76 3.33 12.69
N SER A 751 -25.33 2.31 13.44
CA SER A 751 -24.60 2.54 14.67
C SER A 751 -23.27 3.24 14.40
N VAL A 752 -22.58 2.83 13.33
CA VAL A 752 -21.31 3.46 12.99
C VAL A 752 -21.51 4.93 12.62
N TYR A 753 -22.53 5.20 11.81
CA TYR A 753 -22.83 6.58 11.44
C TYR A 753 -23.16 7.41 12.68
N GLY A 754 -23.95 6.86 13.60
CA GLY A 754 -24.31 7.58 14.80
C GLY A 754 -23.10 7.86 15.69
N VAL A 755 -22.22 6.87 15.86
CA VAL A 755 -21.06 7.07 16.72
C VAL A 755 -20.10 8.07 16.07
N TYR A 756 -19.98 8.05 14.75
CA TYR A 756 -19.13 9.03 14.09
C TYR A 756 -19.69 10.44 14.24
N ILE A 757 -21.01 10.59 14.10
CA ILE A 757 -21.62 11.90 14.30
C ILE A 757 -21.42 12.38 15.73
N GLN A 758 -21.58 11.47 16.70
CA GLN A 758 -21.36 11.83 18.09
C GLN A 758 -19.92 12.26 18.34
N ALA A 759 -18.96 11.55 17.73
CA ALA A 759 -17.57 11.96 17.82
C ALA A 759 -17.29 13.28 17.11
N ALA A 760 -18.14 13.64 16.14
CA ALA A 760 -17.97 14.90 15.43
C ALA A 760 -18.32 16.10 16.30
N GLY A 761 -19.03 15.91 17.41
CA GLY A 761 -19.39 17.01 18.28
C GLY A 761 -20.89 17.13 18.49
N GLY A 762 -21.62 16.06 18.21
CA GLY A 762 -23.05 16.05 18.38
C GLY A 762 -23.80 16.43 17.12
N PRO A 763 -25.12 16.38 17.17
CA PRO A 763 -25.93 16.71 15.98
C PRO A 763 -25.80 18.15 15.54
N LEU A 764 -25.35 19.06 16.41
CA LEU A 764 -25.30 20.47 16.06
C LEU A 764 -24.34 20.73 14.89
N ALA A 765 -23.18 20.07 14.90
CA ALA A 765 -22.23 20.24 13.80
C ALA A 765 -22.81 19.71 12.49
N PHE A 766 -23.50 18.56 12.55
CA PHE A 766 -24.16 18.02 11.38
C PHE A 766 -25.18 19.01 10.82
N LEU A 767 -26.01 19.58 11.69
CA LEU A 767 -27.00 20.55 11.26
C LEU A 767 -26.35 21.78 10.65
N VAL A 768 -25.26 22.25 11.26
CA VAL A 768 -24.57 23.43 10.75
C VAL A 768 -24.01 23.17 9.36
N ILE A 769 -23.41 22.00 9.15
CA ILE A 769 -22.78 21.72 7.86
C ILE A 769 -23.84 21.54 6.78
N MET A 770 -24.93 20.84 7.10
CA MET A 770 -26.05 20.76 6.16
C MET A 770 -26.61 22.14 5.85
N ALA A 771 -26.75 23.00 6.85
CA ALA A 771 -27.25 24.35 6.60
C ALA A 771 -26.31 25.13 5.69
N LEU A 772 -25.00 24.97 5.87
CA LEU A 772 -24.04 25.66 5.01
C LEU A 772 -24.15 25.18 3.57
N PHE A 773 -24.22 23.86 3.35
CA PHE A 773 -24.37 23.36 1.99
C PHE A 773 -25.67 23.85 1.36
N MET A 774 -26.76 23.81 2.12
CA MET A 774 -28.04 24.28 1.61
C MET A 774 -27.98 25.76 1.28
N LEU A 775 -27.30 26.55 2.11
CA LEU A 775 -27.16 27.98 1.84
C LEU A 775 -26.39 28.22 0.56
N ASN A 776 -25.31 27.46 0.33
CA ASN A 776 -24.53 27.62 -0.89
C ASN A 776 -25.37 27.33 -2.13
N VAL A 777 -26.04 26.18 -2.14
CA VAL A 777 -26.82 25.83 -3.32
C VAL A 777 -28.01 26.77 -3.49
N GLY A 778 -28.63 27.18 -2.39
CA GLY A 778 -29.72 28.14 -2.47
C GLY A 778 -29.29 29.50 -2.96
N SER A 779 -28.05 29.89 -2.67
CA SER A 779 -27.57 31.18 -3.17
C SER A 779 -27.25 31.11 -4.66
N THR A 780 -26.73 29.97 -5.13
CA THR A 780 -26.61 29.79 -6.57
C THR A 780 -27.98 29.86 -7.24
N ALA A 781 -28.97 29.20 -6.63
CA ALA A 781 -30.34 29.30 -7.10
C ALA A 781 -30.82 30.74 -7.09
N PHE A 782 -30.43 31.50 -6.07
CA PHE A 782 -30.81 32.90 -5.98
C PHE A 782 -30.25 33.71 -7.14
N SER A 783 -28.99 33.47 -7.50
CA SER A 783 -28.40 34.18 -8.62
C SER A 783 -29.14 33.86 -9.92
N THR A 784 -29.38 32.58 -10.18
CA THR A 784 -30.06 32.22 -11.43
C THR A 784 -31.49 32.75 -11.46
N TRP A 785 -32.22 32.62 -10.35
CA TRP A 785 -33.58 33.13 -10.29
C TRP A 785 -33.61 34.65 -10.39
N TRP A 786 -32.55 35.33 -9.94
CA TRP A 786 -32.50 36.77 -10.12
C TRP A 786 -32.29 37.12 -11.58
N LEU A 787 -31.49 36.34 -12.30
CA LEU A 787 -31.44 36.52 -13.76
C LEU A 787 -32.82 36.37 -14.38
N SER A 788 -33.55 35.34 -13.97
CA SER A 788 -34.89 35.13 -14.51
C SER A 788 -35.81 36.30 -14.19
N TYR A 789 -35.77 36.80 -12.95
CA TYR A 789 -36.61 37.92 -12.56
C TYR A 789 -36.25 39.18 -13.33
N TRP A 790 -34.95 39.43 -13.51
CA TRP A 790 -34.51 40.58 -14.31
C TRP A 790 -35.09 40.51 -15.70
N ILE A 791 -34.96 39.37 -16.36
CA ILE A 791 -35.45 39.25 -17.72
C ILE A 791 -36.97 39.38 -17.76
N LYS A 792 -37.67 38.77 -16.79
CA LYS A 792 -39.13 38.81 -16.78
C LYS A 792 -39.68 40.19 -16.50
N GLN A 793 -38.95 41.03 -15.76
CA GLN A 793 -39.46 42.35 -15.41
C GLN A 793 -39.78 43.17 -16.64
N GLY A 794 -39.00 43.01 -17.70
CA GLY A 794 -39.28 43.71 -18.95
C GLY A 794 -39.22 45.22 -18.78
N SER A 795 -40.11 45.91 -19.46
CA SER A 795 -40.18 47.37 -19.41
C SER A 795 -40.77 47.90 -18.11
N GLY A 796 -41.61 47.12 -17.45
CA GLY A 796 -42.30 47.61 -16.26
C GLY A 796 -43.30 48.70 -16.54
N ASN A 797 -44.05 48.58 -17.65
CA ASN A 797 -45.07 49.56 -18.04
C ASN A 797 -44.49 50.97 -18.14
N THR A 798 -43.54 51.12 -19.06
CA THR A 798 -42.87 52.39 -19.30
C THR A 798 -43.30 52.92 -20.67
N THR A 799 -43.84 54.14 -20.67
CA THR A 799 -44.28 54.80 -21.89
C THR A 799 -43.11 55.54 -22.50
N VAL A 800 -42.67 55.12 -23.70
CA VAL A 800 -41.51 55.70 -24.36
C VAL A 800 -41.92 56.17 -25.75
N THR A 801 -41.14 57.11 -26.27
CA THR A 801 -41.31 57.60 -27.63
C THR A 801 -40.31 56.91 -28.54
N ARG A 802 -40.78 56.42 -29.68
CA ARG A 802 -39.93 55.75 -30.65
C ARG A 802 -39.93 56.44 -32.01
N GLY A 803 -40.25 57.74 -32.04
CA GLY A 803 -40.33 58.47 -33.28
C GLY A 803 -41.38 59.56 -33.23
N ASN A 804 -42.30 59.56 -34.18
CA ASN A 804 -43.39 60.54 -34.19
C ASN A 804 -44.55 60.13 -33.30
N GLU A 805 -44.51 58.93 -32.71
CA GLU A 805 -45.56 58.45 -31.82
C GLU A 805 -44.95 57.75 -30.61
N THR A 806 -45.73 57.66 -29.55
CA THR A 806 -45.29 57.06 -28.29
C THR A 806 -46.13 55.84 -27.99
N SER A 807 -45.47 54.79 -27.48
CA SER A 807 -46.16 53.57 -27.09
C SER A 807 -45.28 52.83 -26.10
N VAL A 808 -45.90 51.90 -25.37
CA VAL A 808 -45.17 51.09 -24.39
C VAL A 808 -44.37 50.03 -25.13
N SER A 809 -43.05 50.05 -24.94
CA SER A 809 -42.14 49.11 -25.59
C SER A 809 -41.48 48.26 -24.53
N ASP A 810 -41.62 46.93 -24.67
CA ASP A 810 -41.06 45.98 -23.71
C ASP A 810 -39.57 45.80 -23.99
N SER A 811 -38.80 46.81 -23.58
CA SER A 811 -37.36 46.81 -23.76
C SER A 811 -36.67 46.87 -22.40
N MET A 812 -35.58 46.12 -22.26
CA MET A 812 -34.87 46.07 -20.99
C MET A 812 -34.30 47.42 -20.59
N LYS A 813 -33.76 48.18 -21.54
CA LYS A 813 -33.03 49.40 -21.21
C LYS A 813 -33.95 50.51 -20.72
N ASP A 814 -35.26 50.39 -20.91
CA ASP A 814 -36.18 51.45 -20.52
C ASP A 814 -36.54 51.42 -19.03
N ASN A 815 -36.24 50.35 -18.33
CA ASN A 815 -36.50 50.30 -16.90
C ASN A 815 -35.49 51.17 -16.16
N PRO A 816 -35.93 52.07 -15.27
CA PRO A 816 -34.99 52.93 -14.55
C PRO A 816 -34.35 52.28 -13.33
N HIS A 817 -34.40 50.96 -13.18
CA HIS A 817 -33.89 50.29 -11.98
C HIS A 817 -32.91 49.16 -12.31
N MET A 818 -32.30 49.18 -13.50
CA MET A 818 -31.32 48.16 -13.84
C MET A 818 -30.05 48.22 -13.00
N GLN A 819 -29.68 49.41 -12.52
CA GLN A 819 -28.52 49.52 -11.64
C GLN A 819 -28.72 48.75 -10.36
N TYR A 820 -29.95 48.75 -9.83
CA TYR A 820 -30.25 47.94 -8.65
C TYR A 820 -30.00 46.47 -8.93
N TYR A 821 -30.43 46.00 -10.10
CA TYR A 821 -30.22 44.62 -10.49
C TYR A 821 -28.74 44.28 -10.62
N ALA A 822 -27.95 45.20 -11.20
CA ALA A 822 -26.50 44.97 -11.27
C ALA A 822 -25.88 44.89 -9.88
N SER A 823 -26.33 45.75 -8.97
CA SER A 823 -25.83 45.69 -7.59
C SER A 823 -26.19 44.35 -6.94
N ILE A 824 -27.40 43.85 -7.20
CA ILE A 824 -27.79 42.56 -6.67
C ILE A 824 -26.93 41.44 -7.25
N TYR A 825 -26.57 41.57 -8.52
CA TYR A 825 -25.63 40.62 -9.13
C TYR A 825 -24.29 40.63 -8.42
N ALA A 826 -23.76 41.82 -8.14
CA ALA A 826 -22.49 41.91 -7.43
C ALA A 826 -22.59 41.27 -6.05
N LEU A 827 -23.69 41.53 -5.34
CA LEU A 827 -23.93 40.91 -4.05
C LEU A 827 -23.99 39.38 -4.18
N SER A 828 -24.62 38.88 -5.24
CA SER A 828 -24.70 37.44 -5.45
C SER A 828 -23.34 36.82 -5.64
N MET A 829 -22.47 37.47 -6.43
CA MET A 829 -21.12 36.94 -6.63
C MET A 829 -20.33 36.94 -5.32
N ALA A 830 -20.45 38.04 -4.55
CA ALA A 830 -19.77 38.08 -3.26
C ALA A 830 -20.27 36.97 -2.34
N VAL A 831 -21.59 36.73 -2.34
CA VAL A 831 -22.15 35.67 -1.53
C VAL A 831 -21.62 34.31 -1.96
N MET A 832 -21.56 34.08 -3.28
CA MET A 832 -20.91 32.89 -3.84
C MET A 832 -19.57 32.63 -3.17
N LEU A 833 -18.65 33.60 -3.33
CA LEU A 833 -17.28 33.39 -2.88
C LEU A 833 -17.22 33.19 -1.37
N ILE A 834 -17.87 34.08 -0.61
CA ILE A 834 -17.77 34.05 0.84
C ILE A 834 -18.37 32.76 1.39
N LEU A 835 -19.55 32.37 0.89
CA LEU A 835 -20.21 31.17 1.39
C LEU A 835 -19.36 29.94 1.07
N LYS A 836 -18.79 29.86 -0.13
CA LYS A 836 -17.96 28.70 -0.45
C LYS A 836 -16.77 28.60 0.49
N ALA A 837 -16.07 29.72 0.71
CA ALA A 837 -14.90 29.69 1.57
C ALA A 837 -15.28 29.29 3.00
N ILE A 838 -16.35 29.89 3.53
CA ILE A 838 -16.76 29.61 4.91
C ILE A 838 -17.16 28.14 5.06
N ARG A 839 -17.94 27.62 4.11
CA ARG A 839 -18.36 26.23 4.19
C ARG A 839 -17.16 25.29 4.16
N GLY A 840 -16.21 25.54 3.26
CA GLY A 840 -15.03 24.68 3.20
C GLY A 840 -14.24 24.68 4.49
N VAL A 841 -13.98 25.88 5.03
CA VAL A 841 -13.19 25.98 6.25
C VAL A 841 -13.89 25.27 7.40
N VAL A 842 -15.19 25.53 7.57
CA VAL A 842 -15.94 24.95 8.69
C VAL A 842 -15.96 23.43 8.58
N PHE A 843 -16.23 22.90 7.39
CA PHE A 843 -16.29 21.46 7.22
C PHE A 843 -14.94 20.81 7.53
N VAL A 844 -13.85 21.39 7.02
CA VAL A 844 -12.54 20.81 7.27
C VAL A 844 -12.21 20.82 8.75
N LYS A 845 -12.49 21.95 9.43
CA LYS A 845 -12.19 22.03 10.86
C LYS A 845 -13.00 21.01 11.65
N GLY A 846 -14.29 20.86 11.32
CA GLY A 846 -15.10 19.88 12.02
C GLY A 846 -14.62 18.46 11.85
N THR A 847 -14.31 18.08 10.60
CA THR A 847 -13.85 16.72 10.36
C THR A 847 -12.54 16.44 11.08
N LEU A 848 -11.60 17.39 11.03
CA LEU A 848 -10.33 17.18 11.71
C LEU A 848 -10.49 17.13 13.23
N ARG A 849 -11.41 17.94 13.79
CA ARG A 849 -11.69 17.86 15.22
C ARG A 849 -12.19 16.48 15.58
N ALA A 850 -13.12 15.94 14.79
CA ALA A 850 -13.64 14.60 15.07
C ALA A 850 -12.54 13.55 15.01
N SER A 851 -11.70 13.62 13.98
CA SER A 851 -10.63 12.63 13.83
C SER A 851 -9.65 12.70 15.00
N SER A 852 -9.27 13.91 15.41
CA SER A 852 -8.34 14.05 16.53
C SER A 852 -8.97 13.58 17.83
N ARG A 853 -10.27 13.81 18.02
CA ARG A 853 -10.94 13.29 19.20
C ARG A 853 -10.90 11.77 19.22
N LEU A 854 -11.17 11.14 18.08
CA LEU A 854 -11.08 9.68 18.01
C LEU A 854 -9.68 9.19 18.32
N HIS A 855 -8.67 9.88 17.79
CA HIS A 855 -7.28 9.50 18.05
C HIS A 855 -6.96 9.58 19.54
N ASP A 856 -7.35 10.69 20.18
CA ASP A 856 -7.05 10.86 21.60
C ASP A 856 -7.75 9.81 22.44
N GLU A 857 -9.02 9.52 22.12
CA GLU A 857 -9.73 8.48 22.86
C GLU A 857 -9.06 7.13 22.71
N LEU A 858 -8.66 6.78 21.48
CA LEU A 858 -8.04 5.48 21.26
C LEU A 858 -6.70 5.39 22.00
N PHE A 859 -5.90 6.46 21.96
CA PHE A 859 -4.63 6.44 22.68
C PHE A 859 -4.84 6.31 24.18
N ARG A 860 -5.79 7.07 24.73
CA ARG A 860 -6.05 7.01 26.17
C ARG A 860 -6.49 5.60 26.58
N ARG A 861 -7.36 4.97 25.79
CA ARG A 861 -7.80 3.63 26.12
C ARG A 861 -6.66 2.61 26.00
N ILE A 862 -5.88 2.70 24.92
CA ILE A 862 -4.86 1.67 24.69
C ILE A 862 -3.74 1.77 25.71
N LEU A 863 -3.44 2.98 26.20
CA LEU A 863 -2.39 3.10 27.20
C LEU A 863 -2.83 2.66 28.59
N ARG A 864 -4.11 2.37 28.78
CA ARG A 864 -4.64 1.86 30.04
C ARG A 864 -5.12 0.43 29.88
N SER A 865 -4.57 -0.26 28.89
CA SER A 865 -4.96 -1.61 28.51
C SER A 865 -4.11 -2.65 29.22
N PRO A 866 -4.62 -3.86 29.40
CA PRO A 866 -3.81 -4.92 30.01
C PRO A 866 -2.69 -5.37 29.09
N MET A 867 -1.66 -5.94 29.71
CA MET A 867 -0.58 -6.54 28.92
C MET A 867 -1.00 -7.80 28.21
N LYS A 868 -2.05 -8.48 28.69
CA LYS A 868 -2.55 -9.68 28.03
C LYS A 868 -2.95 -9.39 26.59
N PHE A 869 -3.37 -8.16 26.29
CA PHE A 869 -3.64 -7.77 24.92
C PHE A 869 -2.44 -8.03 24.02
N PHE A 870 -1.27 -7.53 24.44
CA PHE A 870 -0.05 -7.75 23.67
C PHE A 870 0.48 -9.17 23.79
N ASP A 871 0.25 -9.84 24.92
CA ASP A 871 0.67 -11.22 25.07
C ASP A 871 -0.09 -12.16 24.13
N THR A 872 -1.34 -11.83 23.82
CA THR A 872 -2.15 -12.66 22.94
C THR A 872 -2.14 -12.20 21.49
N THR A 873 -2.30 -10.90 21.24
CA THR A 873 -2.38 -10.39 19.89
C THR A 873 -1.02 -9.86 19.44
N PRO A 874 -0.60 -10.15 18.21
CA PRO A 874 0.68 -9.62 17.72
C PRO A 874 0.61 -8.11 17.55
N THR A 875 1.78 -7.48 17.67
CA THR A 875 1.87 -6.03 17.54
C THR A 875 1.59 -5.54 16.12
N GLY A 876 1.64 -6.43 15.12
CA GLY A 876 1.42 -6.00 13.75
C GLY A 876 0.02 -5.44 13.53
N ARG A 877 -0.99 -6.09 14.09
CA ARG A 877 -2.36 -5.61 13.91
C ARG A 877 -2.55 -4.23 14.52
N ILE A 878 -2.04 -4.02 15.74
CA ILE A 878 -2.19 -2.73 16.39
C ILE A 878 -1.41 -1.66 15.63
N LEU A 879 -0.20 -1.99 15.17
CA LEU A 879 0.57 -1.03 14.39
C LEU A 879 -0.16 -0.65 13.11
N ASN A 880 -0.74 -1.63 12.42
CA ASN A 880 -1.50 -1.34 11.21
C ASN A 880 -2.72 -0.47 11.52
N ARG A 881 -3.39 -0.73 12.65
CA ARG A 881 -4.50 0.12 13.06
C ARG A 881 -4.03 1.55 13.27
N PHE A 882 -2.85 1.74 13.86
CA PHE A 882 -2.29 3.08 14.02
C PHE A 882 -1.78 3.63 12.69
N SER A 883 -1.19 2.77 11.86
CA SER A 883 -0.45 3.26 10.70
C SER A 883 -1.36 3.57 9.51
N LYS A 884 -2.04 2.55 8.98
CA LYS A 884 -2.71 2.72 7.71
C LYS A 884 -4.16 3.16 7.84
N ASP A 885 -4.89 2.63 8.83
CA ASP A 885 -6.29 3.00 8.98
C ASP A 885 -6.45 4.49 9.30
N MET A 886 -5.56 5.02 10.13
CA MET A 886 -5.67 6.40 10.56
C MET A 886 -5.41 7.37 9.41
N ASP A 887 -4.32 7.15 8.68
CA ASP A 887 -4.06 7.98 7.50
C ASP A 887 -5.16 7.81 6.47
N GLU A 888 -5.67 6.59 6.31
CA GLU A 888 -6.77 6.35 5.38
C GLU A 888 -7.97 7.22 5.71
N VAL A 889 -8.43 7.17 6.96
CA VAL A 889 -9.61 7.95 7.31
C VAL A 889 -9.31 9.44 7.16
N ASP A 890 -8.17 9.89 7.68
CA ASP A 890 -7.85 11.32 7.68
C ASP A 890 -7.79 11.90 6.27
N VAL A 891 -7.16 11.18 5.33
CA VAL A 891 -6.96 11.75 4.00
C VAL A 891 -7.99 11.27 2.98
N ARG A 892 -8.94 10.43 3.37
CA ARG A 892 -9.95 9.97 2.43
C ARG A 892 -11.37 10.34 2.85
N LEU A 893 -11.76 10.10 4.11
CA LEU A 893 -13.17 10.23 4.47
C LEU A 893 -13.71 11.63 4.27
N PRO A 894 -13.04 12.71 4.73
CA PRO A 894 -13.58 14.06 4.43
C PRO A 894 -13.73 14.32 2.95
N PHE A 895 -12.77 13.85 2.14
CA PHE A 895 -12.79 14.13 0.71
C PHE A 895 -14.04 13.54 0.06
N GLN A 896 -14.20 12.22 0.16
CA GLN A 896 -15.34 11.55 -0.46
C GLN A 896 -16.65 12.00 0.16
N ALA A 897 -16.67 12.19 1.48
CA ALA A 897 -17.91 12.61 2.14
C ALA A 897 -18.37 13.97 1.60
N GLU A 898 -17.45 14.93 1.52
CA GLU A 898 -17.80 16.25 1.03
C GLU A 898 -18.23 16.21 -0.44
N MET A 899 -17.50 15.45 -1.27
CA MET A 899 -17.91 15.35 -2.67
C MET A 899 -19.30 14.75 -2.81
N PHE A 900 -19.58 13.67 -2.07
CA PHE A 900 -20.90 13.04 -2.16
C PHE A 900 -21.99 13.98 -1.67
N ILE A 901 -21.75 14.70 -0.57
CA ILE A 901 -22.74 15.63 -0.06
C ILE A 901 -23.03 16.72 -1.08
N GLN A 902 -21.98 17.28 -1.69
CA GLN A 902 -22.18 18.32 -2.69
C GLN A 902 -22.97 17.80 -3.89
N ASN A 903 -22.61 16.60 -4.37
CA ASN A 903 -23.30 16.04 -5.52
C ASN A 903 -24.78 15.84 -5.23
N VAL A 904 -25.09 15.21 -4.09
CA VAL A 904 -26.48 14.91 -3.78
C VAL A 904 -27.27 16.19 -3.54
N ILE A 905 -26.66 17.18 -2.88
CA ILE A 905 -27.39 18.41 -2.61
C ILE A 905 -27.64 19.19 -3.90
N LEU A 906 -26.68 19.17 -4.82
CA LEU A 906 -26.88 19.86 -6.09
C LEU A 906 -27.99 19.20 -6.91
N VAL A 907 -27.96 17.87 -7.00
CA VAL A 907 -29.00 17.17 -7.75
C VAL A 907 -30.37 17.41 -7.11
N PHE A 908 -30.44 17.34 -5.78
CA PHE A 908 -31.71 17.54 -5.10
C PHE A 908 -32.23 18.95 -5.30
N PHE A 909 -31.34 19.94 -5.26
CA PHE A 909 -31.78 21.32 -5.44
C PHE A 909 -32.27 21.58 -6.85
N CYS A 910 -31.58 21.03 -7.86
CA CYS A 910 -32.04 21.21 -9.23
C CYS A 910 -33.39 20.55 -9.44
N VAL A 911 -33.56 19.34 -8.92
CA VAL A 911 -34.85 18.67 -9.03
C VAL A 911 -35.93 19.46 -8.30
N GLY A 912 -35.59 20.01 -7.14
CA GLY A 912 -36.54 20.83 -6.40
C GLY A 912 -36.96 22.07 -7.16
N MET A 913 -36.01 22.70 -7.85
CA MET A 913 -36.37 23.84 -8.70
C MET A 913 -37.34 23.44 -9.79
N ILE A 914 -37.00 22.38 -10.54
CA ILE A 914 -37.85 21.97 -11.65
C ILE A 914 -39.23 21.59 -11.15
N ALA A 915 -39.31 20.94 -9.98
CA ALA A 915 -40.60 20.62 -9.39
C ALA A 915 -41.35 21.87 -8.96
N GLY A 916 -40.63 22.86 -8.42
CA GLY A 916 -41.27 24.09 -8.01
C GLY A 916 -41.84 24.86 -9.19
N VAL A 917 -41.30 24.62 -10.38
CA VAL A 917 -41.94 25.16 -11.57
C VAL A 917 -43.11 24.27 -12.02
N PHE A 918 -42.91 22.96 -12.00
CA PHE A 918 -43.93 22.01 -12.45
C PHE A 918 -43.98 20.81 -11.51
N PRO A 919 -45.07 20.65 -10.76
CA PRO A 919 -45.17 19.47 -9.87
C PRO A 919 -45.38 18.16 -10.62
N TRP A 920 -45.99 18.22 -11.80
CA TRP A 920 -46.18 17.01 -12.60
C TRP A 920 -44.83 16.39 -12.96
N PHE A 921 -43.79 17.21 -13.11
CA PHE A 921 -42.45 16.68 -13.25
C PHE A 921 -42.06 15.84 -12.03
N LEU A 922 -42.39 16.32 -10.83
CA LEU A 922 -42.04 15.57 -9.62
C LEU A 922 -42.76 14.23 -9.58
N VAL A 923 -44.06 14.22 -9.85
CA VAL A 923 -44.79 12.95 -9.81
C VAL A 923 -44.37 12.04 -10.96
N ALA A 924 -43.79 12.60 -12.02
CA ALA A 924 -43.22 11.77 -13.07
C ALA A 924 -41.88 11.16 -12.68
N VAL A 925 -41.05 11.90 -11.94
CA VAL A 925 -39.69 11.42 -11.64
C VAL A 925 -39.68 10.54 -10.40
N GLY A 926 -40.77 10.50 -9.64
CA GLY A 926 -40.86 9.55 -8.53
C GLY A 926 -40.49 8.12 -8.92
N PRO A 927 -41.27 7.52 -9.83
CA PRO A 927 -40.92 6.16 -10.29
C PRO A 927 -39.53 6.06 -10.88
N LEU A 928 -39.04 7.12 -11.52
CA LEU A 928 -37.66 7.14 -11.98
C LEU A 928 -36.68 7.05 -10.82
N VAL A 929 -37.02 7.67 -9.68
CA VAL A 929 -36.19 7.55 -8.49
C VAL A 929 -36.17 6.09 -8.01
N ILE A 930 -37.34 5.44 -8.03
CA ILE A 930 -37.38 4.03 -7.63
C ILE A 930 -36.50 3.17 -8.54
N LEU A 931 -36.61 3.38 -9.85
CA LEU A 931 -35.80 2.62 -10.80
C LEU A 931 -34.31 2.89 -10.59
N PHE A 932 -33.96 4.15 -10.30
CA PHE A 932 -32.57 4.49 -10.03
C PHE A 932 -32.06 3.75 -8.81
N SER A 933 -32.88 3.65 -7.75
CA SER A 933 -32.47 2.90 -6.57
C SER A 933 -32.24 1.43 -6.91
N VAL A 934 -33.13 0.84 -7.71
CA VAL A 934 -32.98 -0.57 -8.08
C VAL A 934 -31.68 -0.77 -8.85
N LEU A 935 -31.42 0.11 -9.83
CA LEU A 935 -30.19 0.01 -10.61
C LEU A 935 -28.95 0.17 -9.73
N HIS A 936 -29.01 1.09 -8.76
CA HIS A 936 -27.88 1.28 -7.86
C HIS A 936 -27.60 0.01 -7.07
N ILE A 937 -28.65 -0.63 -6.56
CA ILE A 937 -28.45 -1.86 -5.78
C ILE A 937 -27.80 -2.93 -6.64
N VAL A 938 -28.34 -3.14 -7.84
CA VAL A 938 -27.82 -4.20 -8.71
C VAL A 938 -26.36 -3.92 -9.07
N SER A 939 -26.05 -2.67 -9.42
CA SER A 939 -24.69 -2.32 -9.81
C SER A 939 -23.73 -2.46 -8.64
N ARG A 940 -24.15 -2.08 -7.44
CA ARG A 940 -23.28 -2.24 -6.27
C ARG A 940 -22.95 -3.72 -6.05
N VAL A 941 -23.95 -4.59 -6.14
CA VAL A 941 -23.70 -6.02 -5.97
C VAL A 941 -22.69 -6.51 -7.00
N LEU A 942 -22.93 -6.19 -8.27
CA LEU A 942 -22.07 -6.69 -9.34
C LEU A 942 -20.65 -6.15 -9.19
N ILE A 943 -20.50 -4.87 -8.85
CA ILE A 943 -19.19 -4.25 -8.71
C ILE A 943 -18.41 -4.90 -7.56
N ARG A 944 -19.07 -5.11 -6.42
CA ARG A 944 -18.38 -5.75 -5.31
C ARG A 944 -17.90 -7.15 -5.67
N GLU A 945 -18.78 -7.94 -6.33
CA GLU A 945 -18.37 -9.28 -6.72
C GLU A 945 -17.19 -9.25 -7.68
N LEU A 946 -17.24 -8.35 -8.67
CA LEU A 946 -16.17 -8.29 -9.66
C LEU A 946 -14.85 -7.88 -9.02
N LYS A 947 -14.88 -6.92 -8.11
CA LYS A 947 -13.65 -6.50 -7.44
C LYS A 947 -13.07 -7.62 -6.59
N ARG A 948 -13.93 -8.37 -5.89
CA ARG A 948 -13.44 -9.49 -5.10
C ARG A 948 -12.76 -10.53 -5.99
N LEU A 949 -13.38 -10.85 -7.12
CA LEU A 949 -12.75 -11.81 -8.04
C LEU A 949 -11.43 -11.29 -8.56
N ASP A 950 -11.36 -9.99 -8.88
CA ASP A 950 -10.13 -9.42 -9.41
C ASP A 950 -9.00 -9.53 -8.40
N ASN A 951 -9.27 -9.20 -7.14
CA ASN A 951 -8.22 -9.31 -6.12
C ASN A 951 -7.80 -10.77 -5.92
N ILE A 952 -8.77 -11.68 -5.87
CA ILE A 952 -8.46 -13.08 -5.60
C ILE A 952 -7.68 -13.71 -6.75
N THR A 953 -7.83 -13.20 -7.97
CA THR A 953 -6.99 -13.68 -9.06
C THR A 953 -5.70 -12.90 -9.21
N GLN A 954 -5.61 -11.70 -8.63
CA GLN A 954 -4.39 -10.92 -8.68
C GLN A 954 -3.32 -11.42 -7.71
N SER A 955 -3.71 -11.87 -6.52
CA SER A 955 -2.71 -12.24 -5.52
C SER A 955 -1.74 -13.34 -5.97
N PRO A 956 -2.19 -14.50 -6.45
CA PRO A 956 -1.22 -15.53 -6.87
C PRO A 956 -0.37 -15.08 -8.06
N PHE A 957 -0.88 -14.15 -8.86
CA PHE A 957 -0.10 -13.57 -9.94
C PHE A 957 1.17 -12.92 -9.42
N LEU A 958 1.04 -12.04 -8.43
CA LEU A 958 2.21 -11.41 -7.82
C LEU A 958 3.08 -12.44 -7.12
N SER A 959 2.46 -13.42 -6.46
CA SER A 959 3.26 -14.46 -5.82
C SER A 959 4.15 -15.19 -6.82
N HIS A 960 3.59 -15.52 -7.99
CA HIS A 960 4.36 -16.20 -9.01
C HIS A 960 5.48 -15.32 -9.56
N ILE A 961 5.20 -14.02 -9.75
CA ILE A 961 6.27 -13.15 -10.23
C ILE A 961 7.41 -13.12 -9.23
N THR A 962 7.10 -13.00 -7.94
CA THR A 962 8.16 -12.98 -6.93
C THR A 962 8.94 -14.28 -6.92
N SER A 963 8.24 -15.42 -6.99
CA SER A 963 8.93 -16.70 -7.00
C SER A 963 9.84 -16.84 -8.21
N SER A 964 9.39 -16.38 -9.38
CA SER A 964 10.19 -16.48 -10.58
C SER A 964 11.42 -15.59 -10.51
N ILE A 965 11.26 -14.36 -10.03
CA ILE A 965 12.39 -13.43 -10.02
C ILE A 965 13.40 -13.82 -8.94
N GLN A 966 12.95 -14.53 -7.91
CA GLN A 966 13.86 -14.89 -6.82
C GLN A 966 14.99 -15.78 -7.31
N GLY A 967 14.70 -16.80 -8.12
CA GLY A 967 15.69 -17.79 -8.49
C GLY A 967 16.01 -17.90 -9.96
N LEU A 968 16.16 -16.75 -10.64
CA LEU A 968 16.29 -16.74 -12.09
C LEU A 968 17.48 -17.58 -12.57
N ALA A 969 18.57 -17.57 -11.82
CA ALA A 969 19.78 -18.27 -12.26
C ALA A 969 19.54 -19.77 -12.41
N THR A 970 18.84 -20.37 -11.44
CA THR A 970 18.56 -21.80 -11.52
C THR A 970 17.66 -22.12 -12.70
N ILE A 971 16.64 -21.29 -12.95
CA ILE A 971 15.75 -21.52 -14.08
C ILE A 971 16.51 -21.44 -15.39
N HIS A 972 17.41 -20.46 -15.53
CA HIS A 972 18.21 -20.37 -16.73
C HIS A 972 19.13 -21.58 -16.87
N ALA A 973 19.69 -22.05 -15.76
CA ALA A 973 20.58 -23.20 -15.80
C ALA A 973 19.87 -24.46 -16.26
N TYR A 974 18.60 -24.63 -15.91
CA TYR A 974 17.85 -25.83 -16.26
C TYR A 974 17.07 -25.71 -17.56
N ASN A 975 17.11 -24.54 -18.21
CA ASN A 975 16.44 -24.31 -19.49
C ASN A 975 14.94 -24.60 -19.39
N LYS A 976 14.30 -24.07 -18.36
CA LYS A 976 12.88 -24.28 -18.11
C LYS A 976 12.07 -23.00 -18.36
N GLY A 977 12.62 -22.11 -19.19
CA GLY A 977 11.99 -20.83 -19.43
C GLY A 977 10.62 -20.86 -20.05
N GLN A 978 10.39 -21.71 -21.05
CA GLN A 978 9.14 -21.78 -21.77
C GLN A 978 7.95 -22.13 -20.87
N GLU A 979 8.12 -23.10 -19.97
CA GLU A 979 7.04 -23.45 -19.06
C GLU A 979 6.67 -22.28 -18.16
N PHE A 980 7.67 -21.54 -17.68
CA PHE A 980 7.41 -20.39 -16.82
C PHE A 980 6.63 -19.32 -17.58
N LEU A 981 7.01 -19.02 -18.82
CA LEU A 981 6.30 -18.01 -19.58
C LEU A 981 4.88 -18.48 -19.91
N HIS A 982 4.69 -19.78 -20.18
CA HIS A 982 3.35 -20.29 -20.42
C HIS A 982 2.47 -20.14 -19.17
N ARG A 983 3.04 -20.46 -18.01
CA ARG A 983 2.30 -20.28 -16.75
C ARG A 983 1.95 -18.82 -16.53
N TYR A 984 2.89 -17.92 -16.83
CA TYR A 984 2.62 -16.51 -16.64
C TYR A 984 1.55 -16.01 -17.61
N GLN A 985 1.55 -16.53 -18.84
CA GLN A 985 0.48 -16.17 -19.77
C GLN A 985 -0.88 -16.65 -19.25
N GLU A 986 -0.94 -17.86 -18.70
CA GLU A 986 -2.19 -18.35 -18.12
C GLU A 986 -2.65 -17.44 -16.98
N LEU A 987 -1.73 -17.09 -16.10
CA LEU A 987 -2.07 -16.22 -14.97
C LEU A 987 -2.52 -14.85 -15.45
N LEU A 988 -1.87 -14.30 -16.47
CA LEU A 988 -2.26 -13.00 -17.01
C LEU A 988 -3.67 -13.07 -17.59
N ASP A 989 -3.98 -14.15 -18.30
CA ASP A 989 -5.32 -14.28 -18.89
C ASP A 989 -6.39 -14.33 -17.80
N ASP A 990 -6.25 -15.24 -16.84
CA ASP A 990 -7.32 -15.37 -15.86
C ASP A 990 -7.24 -14.29 -14.78
N ASN A 991 -6.24 -13.43 -14.83
CA ASN A 991 -6.22 -12.22 -14.01
C ASN A 991 -6.90 -11.06 -14.69
N GLN A 992 -6.67 -10.88 -15.99
CA GLN A 992 -7.22 -9.74 -16.71
C GLN A 992 -8.66 -9.96 -17.17
N ALA A 993 -9.17 -11.20 -17.18
CA ALA A 993 -10.57 -11.38 -17.52
C ALA A 993 -11.51 -10.63 -16.57
N PRO A 994 -11.49 -10.89 -15.26
CA PRO A 994 -12.45 -10.19 -14.37
C PRO A 994 -12.27 -8.68 -14.34
N PHE A 995 -11.04 -8.18 -14.48
CA PHE A 995 -10.83 -6.73 -14.46
C PHE A 995 -11.50 -6.07 -15.67
N PHE A 996 -11.35 -6.67 -16.85
CA PHE A 996 -12.03 -6.17 -18.03
C PHE A 996 -13.54 -6.23 -17.87
N LEU A 997 -14.04 -7.33 -17.32
CA LEU A 997 -15.48 -7.43 -17.08
C LEU A 997 -15.97 -6.34 -16.13
N PHE A 998 -15.18 -6.06 -15.09
CA PHE A 998 -15.54 -5.05 -14.11
C PHE A 998 -15.61 -3.66 -14.74
N THR A 999 -14.61 -3.32 -15.57
CA THR A 999 -14.64 -2.03 -16.25
C THR A 999 -15.85 -1.92 -17.17
N CYS A 1000 -16.14 -2.99 -17.91
CA CYS A 1000 -17.32 -2.97 -18.76
C CYS A 1000 -18.60 -2.81 -17.96
N ALA A 1001 -18.67 -3.42 -16.78
CA ALA A 1001 -19.86 -3.28 -15.93
C ALA A 1001 -20.04 -1.83 -15.48
N MET A 1002 -18.94 -1.17 -15.11
CA MET A 1002 -19.04 0.24 -14.74
C MET A 1002 -19.55 1.08 -15.91
N ARG A 1003 -19.03 0.81 -17.11
CA ARG A 1003 -19.52 1.55 -18.28
C ARG A 1003 -21.00 1.29 -18.53
N TRP A 1004 -21.45 0.05 -18.32
CA TRP A 1004 -22.86 -0.28 -18.51
C TRP A 1004 -23.75 0.48 -17.53
N LEU A 1005 -23.32 0.57 -16.26
CA LEU A 1005 -24.06 1.36 -15.29
C LEU A 1005 -24.15 2.81 -15.73
N ALA A 1006 -23.02 3.37 -16.20
CA ALA A 1006 -23.02 4.75 -16.64
C ALA A 1006 -24.00 4.95 -17.81
N VAL A 1007 -24.03 4.01 -18.74
CA VAL A 1007 -24.94 4.12 -19.89
C VAL A 1007 -26.39 4.12 -19.42
N ARG A 1008 -26.72 3.22 -18.49
CA ARG A 1008 -28.10 3.16 -18.00
C ARG A 1008 -28.50 4.47 -17.32
N LEU A 1009 -27.64 5.01 -16.46
CA LEU A 1009 -27.99 6.25 -15.78
C LEU A 1009 -28.11 7.41 -16.76
N ASP A 1010 -27.24 7.46 -17.77
CA ASP A 1010 -27.33 8.50 -18.78
C ASP A 1010 -28.65 8.38 -19.54
N LEU A 1011 -29.09 7.15 -19.82
CA LEU A 1011 -30.38 6.96 -20.49
C LEU A 1011 -31.53 7.48 -19.62
N ILE A 1012 -31.45 7.24 -18.31
CA ILE A 1012 -32.48 7.78 -17.42
C ILE A 1012 -32.51 9.30 -17.48
N SER A 1013 -31.33 9.93 -17.46
CA SER A 1013 -31.27 11.39 -17.58
C SER A 1013 -31.83 11.87 -18.91
N ILE A 1014 -31.59 11.12 -19.98
CA ILE A 1014 -32.15 11.50 -21.29
C ILE A 1014 -33.67 11.44 -21.26
N ALA A 1015 -34.22 10.41 -20.62
CA ALA A 1015 -35.68 10.36 -20.46
C ALA A 1015 -36.19 11.57 -19.70
N LEU A 1016 -35.46 11.98 -18.66
CA LEU A 1016 -35.86 13.16 -17.90
C LEU A 1016 -35.85 14.41 -18.76
N ILE A 1017 -34.80 14.59 -19.56
CA ILE A 1017 -34.71 15.79 -20.40
C ILE A 1017 -35.84 15.79 -21.43
N THR A 1018 -36.17 14.62 -21.98
CA THR A 1018 -37.25 14.55 -22.95
C THR A 1018 -38.59 14.93 -22.32
N THR A 1019 -38.86 14.39 -21.12
CA THR A 1019 -40.16 14.66 -20.52
C THR A 1019 -40.27 16.12 -20.07
N THR A 1020 -39.17 16.72 -19.61
CA THR A 1020 -39.27 18.13 -19.21
C THR A 1020 -39.40 19.04 -20.43
N GLY A 1021 -38.75 18.68 -21.55
CA GLY A 1021 -38.97 19.44 -22.78
C GLY A 1021 -40.41 19.37 -23.25
N LEU A 1022 -41.00 18.18 -23.23
CA LEU A 1022 -42.39 18.04 -23.64
C LEU A 1022 -43.31 18.82 -22.70
N MET A 1023 -43.05 18.76 -21.40
CA MET A 1023 -43.88 19.51 -20.44
C MET A 1023 -43.77 21.01 -20.69
N ILE A 1024 -42.58 21.51 -20.98
CA ILE A 1024 -42.42 22.92 -21.31
C ILE A 1024 -43.22 23.27 -22.56
N VAL A 1025 -43.16 22.40 -23.57
CA VAL A 1025 -43.88 22.68 -24.82
C VAL A 1025 -45.38 22.74 -24.59
N LEU A 1026 -45.93 21.79 -23.82
CA LEU A 1026 -47.38 21.57 -23.82
C LEU A 1026 -48.15 22.81 -23.39
N MET A 1027 -47.58 23.63 -22.52
CA MET A 1027 -48.29 24.79 -21.95
C MET A 1027 -47.74 26.08 -22.54
N HIS A 1028 -47.49 26.07 -23.85
CA HIS A 1028 -46.99 27.25 -24.53
C HIS A 1028 -47.92 28.44 -24.35
N GLY A 1029 -47.32 29.61 -24.07
CA GLY A 1029 -48.05 30.85 -23.98
C GLY A 1029 -48.58 31.20 -22.61
N GLN A 1030 -48.45 30.32 -21.63
CA GLN A 1030 -48.97 30.57 -20.29
C GLN A 1030 -47.90 30.87 -19.26
N ILE A 1031 -46.62 30.71 -19.59
CA ILE A 1031 -45.55 31.00 -18.65
C ILE A 1031 -44.54 31.95 -19.32
N PRO A 1032 -43.93 32.85 -18.57
CA PRO A 1032 -42.95 33.74 -19.18
C PRO A 1032 -41.77 32.97 -19.70
N PRO A 1033 -41.15 33.44 -20.79
CA PRO A 1033 -40.04 32.69 -21.40
C PRO A 1033 -38.85 32.49 -20.48
N ALA A 1034 -38.56 33.42 -19.59
CA ALA A 1034 -37.39 33.31 -18.73
C ALA A 1034 -37.50 32.10 -17.81
N TYR A 1035 -38.69 31.84 -17.27
CA TYR A 1035 -38.87 30.68 -16.40
C TYR A 1035 -38.66 29.38 -17.17
N ALA A 1036 -39.19 29.30 -18.39
CA ALA A 1036 -38.97 28.11 -19.21
C ALA A 1036 -37.49 27.92 -19.51
N GLY A 1037 -36.80 29.03 -19.80
CA GLY A 1037 -35.37 28.94 -20.08
C GLY A 1037 -34.58 28.44 -18.88
N LEU A 1038 -34.88 28.97 -17.68
CA LEU A 1038 -34.17 28.49 -16.50
C LEU A 1038 -34.48 27.03 -16.23
N ALA A 1039 -35.74 26.62 -16.44
CA ALA A 1039 -36.10 25.22 -16.22
C ALA A 1039 -35.33 24.31 -17.17
N ILE A 1040 -35.27 24.67 -18.45
CA ILE A 1040 -34.56 23.82 -19.40
C ILE A 1040 -33.06 23.84 -19.13
N SER A 1041 -32.51 24.98 -18.69
CA SER A 1041 -31.09 25.02 -18.37
C SER A 1041 -30.76 24.12 -17.20
N TYR A 1042 -31.56 24.16 -16.13
CA TYR A 1042 -31.34 23.27 -15.00
C TYR A 1042 -31.50 21.82 -15.40
N ALA A 1043 -32.51 21.51 -16.22
CA ALA A 1043 -32.72 20.14 -16.67
C ALA A 1043 -31.53 19.64 -17.47
N VAL A 1044 -30.95 20.49 -18.31
CA VAL A 1044 -29.73 20.13 -19.03
C VAL A 1044 -28.58 19.90 -18.07
N GLN A 1045 -28.48 20.77 -17.05
CA GLN A 1045 -27.46 20.59 -16.02
C GLN A 1045 -27.60 19.27 -15.27
N LEU A 1046 -28.82 18.73 -15.19
CA LEU A 1046 -29.04 17.48 -14.49
C LEU A 1046 -28.33 16.29 -15.14
N THR A 1047 -27.89 16.40 -16.39
CA THR A 1047 -27.30 15.26 -17.06
C THR A 1047 -25.92 14.94 -16.49
N GLY A 1048 -25.54 13.66 -16.59
CA GLY A 1048 -24.22 13.23 -16.16
C GLY A 1048 -23.91 13.44 -14.70
N LEU A 1049 -24.89 13.29 -13.81
CA LEU A 1049 -24.68 13.49 -12.38
C LEU A 1049 -25.26 12.36 -11.54
N PHE A 1050 -25.19 11.12 -12.00
CA PHE A 1050 -25.73 9.98 -11.26
C PHE A 1050 -24.69 8.92 -10.94
N GLN A 1051 -23.90 8.51 -11.94
CA GLN A 1051 -22.84 7.55 -11.69
C GLN A 1051 -21.83 8.09 -10.69
N PHE A 1052 -21.60 9.41 -10.72
CA PHE A 1052 -20.78 10.05 -9.70
C PHE A 1052 -21.35 9.78 -8.31
N THR A 1053 -22.66 9.96 -8.14
CA THR A 1053 -23.29 9.72 -6.86
C THR A 1053 -23.13 8.28 -6.43
N VAL A 1054 -23.34 7.34 -7.34
CA VAL A 1054 -23.24 5.92 -7.00
C VAL A 1054 -21.82 5.57 -6.55
N ARG A 1055 -20.82 6.02 -7.33
CA ARG A 1055 -19.43 5.71 -7.00
C ARG A 1055 -19.04 6.32 -5.66
N LEU A 1056 -19.44 7.57 -5.42
CA LEU A 1056 -19.12 8.22 -4.16
C LEU A 1056 -19.79 7.52 -2.99
N ALA A 1057 -21.01 7.04 -3.19
CA ALA A 1057 -21.67 6.26 -2.14
C ALA A 1057 -20.89 4.99 -1.81
N SER A 1058 -20.41 4.30 -2.84
CA SER A 1058 -19.62 3.08 -2.61
C SER A 1058 -18.34 3.40 -1.83
N GLU A 1059 -17.64 4.46 -2.24
CA GLU A 1059 -16.41 4.82 -1.53
C GLU A 1059 -16.70 5.20 -0.08
N THR A 1060 -17.77 5.96 0.15
CA THR A 1060 -18.11 6.38 1.50
C THR A 1060 -18.45 5.18 2.37
N GLU A 1061 -19.20 4.21 1.84
CA GLU A 1061 -19.52 3.05 2.67
C GLU A 1061 -18.29 2.19 2.93
N ALA A 1062 -17.34 2.12 2.00
CA ALA A 1062 -16.10 1.40 2.28
C ALA A 1062 -15.32 2.09 3.41
N ARG A 1063 -15.20 3.42 3.34
CA ARG A 1063 -14.50 4.14 4.40
C ARG A 1063 -15.21 3.98 5.74
N PHE A 1064 -16.53 3.97 5.74
CA PHE A 1064 -17.25 3.78 6.99
C PHE A 1064 -17.13 2.34 7.50
N THR A 1065 -16.93 1.37 6.61
CA THR A 1065 -16.58 0.04 7.08
C THR A 1065 -15.25 0.05 7.82
N SER A 1066 -14.27 0.79 7.27
CA SER A 1066 -12.98 0.90 7.96
C SER A 1066 -13.15 1.57 9.33
N VAL A 1067 -13.93 2.65 9.39
CA VAL A 1067 -14.10 3.33 10.67
C VAL A 1067 -14.91 2.46 11.64
N GLU A 1068 -15.79 1.61 11.12
CA GLU A 1068 -16.50 0.65 11.97
C GLU A 1068 -15.53 -0.34 12.58
N ARG A 1069 -14.56 -0.80 11.79
CA ARG A 1069 -13.53 -1.69 12.34
C ARG A 1069 -12.76 -0.99 13.46
N ILE A 1070 -12.40 0.28 13.24
CA ILE A 1070 -11.70 1.02 14.27
C ILE A 1070 -12.57 1.16 15.52
N ASN A 1071 -13.86 1.44 15.34
CA ASN A 1071 -14.75 1.63 16.48
C ASN A 1071 -14.91 0.34 17.28
N HIS A 1072 -15.06 -0.79 16.59
CA HIS A 1072 -15.11 -2.07 17.30
C HIS A 1072 -13.82 -2.33 18.05
N TYR A 1073 -12.68 -2.06 17.39
CA TYR A 1073 -11.39 -2.26 18.03
C TYR A 1073 -11.26 -1.44 19.31
N ILE A 1074 -11.66 -0.17 19.27
CA ILE A 1074 -11.57 0.65 20.47
C ILE A 1074 -12.58 0.26 21.55
N LYS A 1075 -13.81 -0.11 21.16
CA LYS A 1075 -14.83 -0.45 22.14
C LYS A 1075 -14.59 -1.79 22.81
N THR A 1076 -13.91 -2.73 22.15
CA THR A 1076 -13.70 -4.05 22.72
C THR A 1076 -12.58 -4.09 23.76
N LEU A 1077 -12.10 -2.93 24.20
CA LEU A 1077 -11.03 -2.85 25.19
C LEU A 1077 -11.57 -3.01 26.60
N SER A 1078 -10.66 -2.96 27.57
CA SER A 1078 -10.99 -3.09 28.98
C SER A 1078 -10.25 -2.01 29.78
N LEU A 1079 -10.45 -2.02 31.10
CA LEU A 1079 -9.86 -1.05 32.01
C LEU A 1079 -9.18 -1.76 33.16
N GLU A 1080 -8.01 -1.27 33.55
CA GLU A 1080 -7.27 -1.83 34.67
C GLU A 1080 -7.68 -1.15 35.97
N ALA A 1081 -6.94 -1.46 37.02
CA ALA A 1081 -7.13 -0.75 38.28
C ALA A 1081 -6.68 0.69 38.13
N PRO A 1082 -7.37 1.64 38.77
CA PRO A 1082 -6.98 3.05 38.64
C PRO A 1082 -5.60 3.30 39.26
N ALA A 1083 -4.92 4.31 38.70
CA ALA A 1083 -3.61 4.69 39.24
C ALA A 1083 -3.73 5.18 40.68
N ARG A 1084 -4.86 5.81 41.03
CA ARG A 1084 -5.14 6.22 42.39
C ARG A 1084 -6.24 5.33 42.95
N ILE A 1085 -6.07 4.90 44.19
CA ILE A 1085 -7.06 4.08 44.87
C ILE A 1085 -7.31 4.67 46.26
N LYS A 1086 -8.38 4.19 46.89
CA LYS A 1086 -8.74 4.64 48.23
C LYS A 1086 -7.70 4.29 49.28
N ASN A 1087 -6.80 3.35 48.99
CA ASN A 1087 -5.76 2.97 49.93
C ASN A 1087 -4.79 4.09 50.24
N LYS A 1088 -4.74 5.13 49.40
CA LYS A 1088 -3.89 6.30 49.61
C LYS A 1088 -2.41 5.94 49.58
N ALA A 1089 -1.55 6.94 49.75
CA ALA A 1089 -0.12 6.69 49.84
C ALA A 1089 0.19 5.92 51.12
N PRO A 1090 1.06 4.92 51.06
CA PRO A 1090 1.38 4.14 52.26
C PRO A 1090 2.07 5.00 53.33
N SER A 1091 3.14 5.69 52.93
CA SER A 1091 3.88 6.56 53.81
C SER A 1091 4.77 7.47 52.98
N PRO A 1092 5.02 8.70 53.42
CA PRO A 1092 5.94 9.58 52.68
C PRO A 1092 7.34 9.02 52.56
N ASP A 1093 7.79 8.21 53.52
CA ASP A 1093 9.11 7.59 53.49
C ASP A 1093 9.06 6.15 53.02
N TRP A 1094 7.93 5.67 52.54
CA TRP A 1094 7.81 4.27 52.14
C TRP A 1094 8.68 3.99 50.91
N PRO A 1095 9.40 2.87 50.90
CA PRO A 1095 9.52 1.87 51.96
C PRO A 1095 10.50 2.30 53.05
N GLN A 1096 10.23 1.95 54.30
CA GLN A 1096 11.14 2.31 55.39
C GLN A 1096 12.39 1.45 55.40
N GLU A 1097 12.27 0.17 55.04
CA GLU A 1097 13.41 -0.73 55.01
C GLU A 1097 13.34 -1.54 53.72
N GLY A 1098 14.22 -2.53 53.61
CA GLY A 1098 14.23 -3.40 52.44
C GLY A 1098 13.90 -4.83 52.78
N GLU A 1099 12.95 -5.02 53.69
CA GLU A 1099 12.54 -6.35 54.14
C GLU A 1099 11.26 -6.76 53.41
N VAL A 1100 11.32 -7.89 52.71
CA VAL A 1100 10.19 -8.42 51.97
C VAL A 1100 9.96 -9.87 52.41
N THR A 1101 8.70 -10.21 52.69
CA THR A 1101 8.33 -11.56 53.08
C THR A 1101 7.23 -12.07 52.16
N PHE A 1102 7.42 -13.28 51.65
CA PHE A 1102 6.47 -13.94 50.77
C PHE A 1102 5.68 -14.95 51.57
N GLU A 1103 4.40 -15.12 51.22
CA GLU A 1103 3.50 -16.02 51.95
C GLU A 1103 2.55 -16.68 50.95
N ASN A 1104 2.88 -17.91 50.55
CA ASN A 1104 2.01 -18.74 49.71
C ASN A 1104 1.60 -18.03 48.42
N ALA A 1105 2.61 -17.76 47.59
CA ALA A 1105 2.39 -17.05 46.33
C ALA A 1105 1.76 -18.00 45.32
N GLU A 1106 0.54 -17.67 44.88
CA GLU A 1106 -0.16 -18.42 43.84
C GLU A 1106 -0.39 -17.49 42.66
N MET A 1107 0.35 -17.73 41.58
CA MET A 1107 0.31 -16.82 40.43
C MET A 1107 0.24 -17.67 39.17
N ARG A 1108 -0.65 -17.29 38.25
CA ARG A 1108 -0.83 -18.00 36.99
C ARG A 1108 -0.87 -17.00 35.84
N TYR A 1109 -0.28 -17.39 34.71
CA TYR A 1109 -0.15 -16.49 33.57
C TYR A 1109 -1.52 -16.05 33.05
N ARG A 1110 -2.44 -17.00 32.92
CA ARG A 1110 -3.76 -16.72 32.37
C ARG A 1110 -4.78 -17.63 33.04
N GLU A 1111 -6.05 -17.40 32.72
CA GLU A 1111 -7.10 -18.30 33.18
C GLU A 1111 -6.93 -19.67 32.53
N ASN A 1112 -7.18 -20.71 33.34
CA ASN A 1112 -7.11 -22.12 32.94
C ASN A 1112 -5.67 -22.53 32.62
N LEU A 1113 -4.75 -21.58 32.66
CA LEU A 1113 -3.34 -21.88 32.46
C LEU A 1113 -2.77 -22.55 33.71
N PRO A 1114 -1.82 -23.47 33.54
CA PRO A 1114 -1.19 -24.08 34.73
C PRO A 1114 -0.52 -23.03 35.59
N LEU A 1115 -0.64 -23.20 36.90
CA LEU A 1115 -0.10 -22.22 37.83
C LEU A 1115 1.43 -22.23 37.78
N VAL A 1116 2.02 -21.05 37.67
CA VAL A 1116 3.47 -20.90 37.66
C VAL A 1116 4.03 -20.79 39.06
N LEU A 1117 3.26 -20.21 39.98
CA LEU A 1117 3.64 -20.11 41.38
C LEU A 1117 2.76 -21.04 42.20
N LYS A 1118 3.39 -21.88 43.04
CA LYS A 1118 2.67 -22.90 43.80
C LYS A 1118 3.25 -22.97 45.20
N LYS A 1119 2.63 -22.24 46.13
CA LYS A 1119 2.92 -22.33 47.56
C LYS A 1119 4.40 -22.07 47.86
N VAL A 1120 4.82 -20.84 47.57
CA VAL A 1120 6.19 -20.39 47.83
C VAL A 1120 6.13 -19.25 48.83
N SER A 1121 6.88 -19.40 49.92
CA SER A 1121 6.97 -18.39 50.97
C SER A 1121 8.42 -18.25 51.39
N PHE A 1122 8.91 -17.01 51.44
CA PHE A 1122 10.28 -16.75 51.83
C PHE A 1122 10.40 -15.31 52.31
N THR A 1123 11.51 -15.03 53.00
CA THR A 1123 11.82 -13.69 53.48
C THR A 1123 13.24 -13.33 53.09
N ILE A 1124 13.45 -12.05 52.78
CA ILE A 1124 14.75 -11.54 52.37
C ILE A 1124 15.13 -10.40 53.31
N LYS A 1125 16.29 -10.53 53.95
CA LYS A 1125 16.78 -9.49 54.83
C LYS A 1125 17.36 -8.32 54.03
N PRO A 1126 17.30 -7.10 54.56
CA PRO A 1126 17.82 -5.94 53.82
C PRO A 1126 19.33 -6.04 53.62
N LYS A 1127 19.79 -5.37 52.56
CA LYS A 1127 21.21 -5.31 52.20
C LYS A 1127 21.81 -6.69 51.94
N GLU A 1128 21.07 -7.55 51.23
CA GLU A 1128 21.55 -8.87 50.85
C GLU A 1128 21.42 -9.07 49.35
N LYS A 1129 22.35 -9.83 48.79
CA LYS A 1129 22.31 -10.20 47.38
C LYS A 1129 21.72 -11.59 47.26
N ILE A 1130 20.65 -11.72 46.48
CA ILE A 1130 19.93 -12.98 46.32
C ILE A 1130 19.93 -13.36 44.85
N GLY A 1131 20.35 -14.59 44.56
CA GLY A 1131 20.37 -15.08 43.20
C GLY A 1131 19.41 -16.21 42.96
N ILE A 1132 18.56 -16.07 41.95
CA ILE A 1132 17.56 -17.07 41.60
C ILE A 1132 18.07 -17.87 40.41
N VAL A 1133 18.26 -19.18 40.61
CA VAL A 1133 18.76 -20.07 39.57
C VAL A 1133 17.76 -21.21 39.41
N GLY A 1134 17.38 -21.48 38.17
CA GLY A 1134 16.46 -22.57 37.89
C GLY A 1134 16.38 -22.81 36.40
N ARG A 1135 15.67 -23.88 36.04
CA ARG A 1135 15.50 -24.23 34.64
C ARG A 1135 14.55 -23.26 33.97
N THR A 1136 14.51 -23.31 32.64
CA THR A 1136 13.62 -22.45 31.89
C THR A 1136 12.17 -22.76 32.21
N GLY A 1137 11.38 -21.71 32.47
CA GLY A 1137 9.99 -21.87 32.84
C GLY A 1137 9.75 -22.26 34.28
N SER A 1138 10.80 -22.32 35.11
CA SER A 1138 10.64 -22.68 36.51
C SER A 1138 9.99 -21.58 37.35
N GLY A 1139 9.81 -20.39 36.78
CA GLY A 1139 9.24 -19.28 37.51
C GLY A 1139 10.20 -18.16 37.84
N LYS A 1140 11.42 -18.17 37.28
CA LYS A 1140 12.37 -17.11 37.56
C LYS A 1140 11.84 -15.76 37.10
N SER A 1141 11.23 -15.71 35.93
CA SER A 1141 10.70 -14.45 35.41
C SER A 1141 9.44 -14.01 36.12
N SER A 1142 8.66 -14.95 36.67
CA SER A 1142 7.37 -14.61 37.26
C SER A 1142 7.49 -13.70 38.48
N LEU A 1143 8.60 -13.77 39.21
CA LEU A 1143 8.76 -12.95 40.40
C LEU A 1143 8.71 -11.46 40.07
N GLY A 1144 9.23 -11.08 38.90
CA GLY A 1144 9.19 -9.68 38.52
C GLY A 1144 7.79 -9.13 38.42
N MET A 1145 6.90 -9.87 37.75
CA MET A 1145 5.51 -9.44 37.65
C MET A 1145 4.79 -9.58 38.99
N ALA A 1146 5.16 -10.60 39.78
CA ALA A 1146 4.51 -10.82 41.06
C ALA A 1146 4.77 -9.65 42.01
N LEU A 1147 6.02 -9.19 42.08
CA LEU A 1147 6.37 -8.15 43.04
C LEU A 1147 5.81 -6.79 42.63
N PHE A 1148 5.60 -6.57 41.34
CA PHE A 1148 5.17 -5.28 40.83
C PHE A 1148 3.66 -5.13 40.74
N ARG A 1149 2.90 -6.13 41.19
CA ARG A 1149 1.44 -6.14 41.10
C ARG A 1149 0.97 -6.03 39.65
N LEU A 1150 1.84 -6.39 38.71
CA LEU A 1150 1.49 -6.30 37.30
C LEU A 1150 0.35 -7.23 36.95
N VAL A 1151 0.38 -8.46 37.45
CA VAL A 1151 -0.71 -9.41 37.31
C VAL A 1151 -1.21 -9.75 38.71
N GLU A 1152 -2.52 -9.65 38.91
CA GLU A 1152 -3.09 -9.76 40.25
C GLU A 1152 -2.81 -11.13 40.85
N LEU A 1153 -2.41 -11.12 42.12
CA LEU A 1153 -2.12 -12.36 42.83
C LEU A 1153 -3.40 -13.17 43.01
N SER A 1154 -3.30 -14.47 42.77
CA SER A 1154 -4.44 -15.38 42.89
C SER A 1154 -4.52 -16.04 44.26
N GLY A 1155 -3.60 -15.74 45.17
CA GLY A 1155 -3.61 -16.33 46.50
C GLY A 1155 -2.40 -15.96 47.32
N GLY A 1156 -2.57 -15.87 48.63
CA GLY A 1156 -1.50 -15.44 49.50
C GLY A 1156 -1.35 -13.94 49.52
N CYS A 1157 -0.31 -13.49 50.22
CA CYS A 1157 -0.03 -12.07 50.38
C CYS A 1157 1.47 -11.82 50.28
N ILE A 1158 1.83 -10.61 49.90
CA ILE A 1158 3.22 -10.17 49.82
C ILE A 1158 3.39 -8.97 50.74
N LYS A 1159 4.35 -9.06 51.65
CA LYS A 1159 4.57 -8.04 52.66
C LYS A 1159 5.94 -7.42 52.49
N ILE A 1160 5.99 -6.09 52.39
CA ILE A 1160 7.22 -5.32 52.34
C ILE A 1160 7.17 -4.33 53.49
N ASP A 1161 8.16 -4.42 54.39
CA ASP A 1161 8.20 -3.59 55.59
C ASP A 1161 6.92 -3.74 56.41
N GLY A 1162 6.32 -4.92 56.36
CA GLY A 1162 5.08 -5.17 57.05
C GLY A 1162 3.85 -4.60 56.38
N VAL A 1163 3.98 -4.07 55.16
CA VAL A 1163 2.87 -3.45 54.44
C VAL A 1163 2.52 -4.31 53.24
N ARG A 1164 1.25 -4.69 53.14
CA ARG A 1164 0.78 -5.51 52.03
C ARG A 1164 0.78 -4.70 50.74
N ILE A 1165 1.30 -5.29 49.67
CA ILE A 1165 1.47 -4.58 48.40
C ILE A 1165 0.13 -4.18 47.79
N SER A 1166 -0.92 -4.97 47.99
CA SER A 1166 -2.20 -4.72 47.35
C SER A 1166 -2.87 -3.44 47.85
N ASP A 1167 -2.39 -2.84 48.93
CA ASP A 1167 -2.99 -1.64 49.50
C ASP A 1167 -2.17 -0.39 49.18
N ILE A 1168 -1.54 -0.36 48.01
CA ILE A 1168 -0.75 0.80 47.56
C ILE A 1168 -1.13 1.09 46.11
N GLY A 1169 -1.29 2.37 45.78
CA GLY A 1169 -1.62 2.74 44.43
C GLY A 1169 -0.52 2.38 43.44
N LEU A 1170 -0.92 2.30 42.17
CA LEU A 1170 0.00 1.84 41.13
C LEU A 1170 1.21 2.76 41.00
N ALA A 1171 0.98 4.07 40.90
CA ALA A 1171 2.10 4.99 40.78
C ALA A 1171 2.91 5.02 42.08
N ASP A 1172 2.24 4.85 43.22
CA ASP A 1172 2.92 5.00 44.51
C ASP A 1172 4.03 3.97 44.68
N LEU A 1173 3.78 2.71 44.31
CA LEU A 1173 4.82 1.70 44.41
C LEU A 1173 5.64 1.57 43.13
N ARG A 1174 5.07 1.90 41.97
CA ARG A 1174 5.85 1.88 40.74
C ARG A 1174 6.91 2.97 40.70
N SER A 1175 6.75 4.03 41.49
CA SER A 1175 7.74 5.09 41.56
C SER A 1175 8.93 4.75 42.44
N LYS A 1176 8.81 3.74 43.31
CA LYS A 1176 9.88 3.35 44.21
C LYS A 1176 10.55 2.04 43.80
N LEU A 1177 10.25 1.53 42.61
CA LEU A 1177 10.81 0.28 42.12
C LEU A 1177 11.48 0.50 40.77
N SER A 1178 12.63 -0.13 40.57
CA SER A 1178 13.38 -0.04 39.32
C SER A 1178 14.06 -1.37 39.05
N ILE A 1179 14.13 -1.73 37.76
CA ILE A 1179 14.77 -2.97 37.33
C ILE A 1179 15.68 -2.68 36.14
N ILE A 1180 16.51 -3.67 35.82
CA ILE A 1180 17.37 -3.64 34.64
C ILE A 1180 17.01 -4.85 33.79
N PRO A 1181 16.62 -4.68 32.54
CA PRO A 1181 16.21 -5.81 31.71
C PRO A 1181 17.42 -6.51 31.08
N GLN A 1182 17.14 -7.66 30.47
CA GLN A 1182 18.19 -8.40 29.77
C GLN A 1182 18.75 -7.59 28.62
N GLU A 1183 17.89 -6.95 27.84
CA GLU A 1183 18.30 -6.18 26.68
C GLU A 1183 18.22 -4.68 26.98
N PRO A 1184 19.22 -3.91 26.57
CA PRO A 1184 19.16 -2.45 26.75
C PRO A 1184 17.96 -1.85 26.02
N VAL A 1185 17.31 -0.89 26.66
CA VAL A 1185 16.15 -0.21 26.10
C VAL A 1185 16.49 1.26 25.95
N LEU A 1186 16.63 1.72 24.70
CA LEU A 1186 16.98 3.09 24.42
C LEU A 1186 15.95 3.69 23.47
N PHE A 1187 15.38 4.83 23.87
CA PHE A 1187 14.32 5.48 23.12
C PHE A 1187 14.90 6.47 22.14
N SER A 1188 14.14 6.74 21.07
CA SER A 1188 14.53 7.77 20.12
C SER A 1188 14.38 9.15 20.76
N GLY A 1189 15.38 9.99 20.56
CA GLY A 1189 15.37 11.32 21.13
C GLY A 1189 16.78 11.74 21.51
N THR A 1190 16.89 12.42 22.64
CA THR A 1190 18.16 12.94 23.14
C THR A 1190 18.58 12.19 24.39
N VAL A 1191 19.83 12.42 24.80
CA VAL A 1191 20.35 11.82 26.02
C VAL A 1191 19.57 12.32 27.23
N ARG A 1192 19.26 13.61 27.26
CA ARG A 1192 18.47 14.16 28.36
C ARG A 1192 17.09 13.51 28.43
N SER A 1193 16.45 13.33 27.27
CA SER A 1193 15.16 12.65 27.26
C SER A 1193 15.31 11.19 27.67
N ASN A 1194 16.35 10.51 27.17
CA ASN A 1194 16.53 9.10 27.46
C ASN A 1194 16.95 8.84 28.90
N LEU A 1195 17.39 9.86 29.63
CA LEU A 1195 17.81 9.67 31.01
C LEU A 1195 16.71 10.06 32.00
N ASP A 1196 16.12 11.24 31.82
CA ASP A 1196 15.05 11.71 32.70
C ASP A 1196 14.23 12.74 31.94
N PRO A 1197 13.14 12.31 31.29
CA PRO A 1197 12.32 13.28 30.53
C PRO A 1197 11.66 14.34 31.39
N PHE A 1198 11.44 14.08 32.67
CA PHE A 1198 10.74 15.03 33.52
C PHE A 1198 11.63 16.16 34.02
N ASN A 1199 12.95 16.05 33.87
CA ASN A 1199 13.89 17.09 34.27
C ASN A 1199 13.74 17.44 35.75
N GLN A 1200 13.48 16.43 36.57
CA GLN A 1200 13.38 16.61 38.01
C GLN A 1200 14.73 16.55 38.72
N TYR A 1201 15.80 16.27 37.98
CA TYR A 1201 17.14 16.20 38.53
C TYR A 1201 17.96 17.39 38.05
N THR A 1202 18.96 17.76 38.85
CA THR A 1202 19.87 18.83 38.49
C THR A 1202 21.01 18.28 37.63
N GLU A 1203 21.68 19.20 36.93
CA GLU A 1203 22.74 18.80 36.00
C GLU A 1203 23.91 18.16 36.74
N ASP A 1204 24.26 18.69 37.92
CA ASP A 1204 25.37 18.15 38.67
C ASP A 1204 25.12 16.71 39.10
N GLN A 1205 23.87 16.39 39.45
CA GLN A 1205 23.52 15.01 39.78
C GLN A 1205 23.71 14.10 38.57
N ILE A 1206 23.31 14.57 37.39
CA ILE A 1206 23.50 13.79 36.17
C ILE A 1206 24.98 13.56 35.92
N TRP A 1207 25.81 14.59 36.11
CA TRP A 1207 27.24 14.44 35.91
C TRP A 1207 27.85 13.47 36.92
N ASP A 1208 27.38 13.52 38.17
CA ASP A 1208 27.86 12.59 39.17
C ASP A 1208 27.49 11.15 38.81
N ALA A 1209 26.26 10.94 38.33
CA ALA A 1209 25.86 9.61 37.89
C ALA A 1209 26.71 9.13 36.72
N LEU A 1210 26.98 10.03 35.76
CA LEU A 1210 27.78 9.64 34.60
C LEU A 1210 29.21 9.29 35.01
N GLU A 1211 29.80 10.07 35.90
CA GLU A 1211 31.17 9.77 36.33
C GLU A 1211 31.21 8.52 37.19
N ARG A 1212 30.16 8.24 37.96
CA ARG A 1212 30.06 6.95 38.64
C ARG A 1212 30.00 5.81 37.64
N THR A 1213 29.28 6.01 36.54
CA THR A 1213 29.14 5.00 35.49
C THR A 1213 30.26 5.07 34.47
N HIS A 1214 31.18 6.03 34.61
CA HIS A 1214 32.31 6.20 33.70
C HIS A 1214 31.81 6.47 32.27
N MET A 1215 31.07 7.57 32.14
CA MET A 1215 30.53 7.98 30.86
C MET A 1215 30.90 9.40 30.45
N LYS A 1216 31.36 10.24 31.37
CA LYS A 1216 31.70 11.62 31.02
C LYS A 1216 32.82 11.69 30.00
N GLU A 1217 33.73 10.72 30.02
CA GLU A 1217 34.79 10.67 29.02
C GLU A 1217 34.26 10.46 27.61
N CYS A 1218 33.10 9.83 27.48
CA CYS A 1218 32.47 9.59 26.18
C CYS A 1218 31.38 10.60 25.86
N ILE A 1219 31.17 11.60 26.72
CA ILE A 1219 30.10 12.57 26.55
C ILE A 1219 30.63 13.99 26.41
N ALA A 1220 31.65 14.35 27.21
CA ALA A 1220 32.10 15.74 27.25
C ALA A 1220 32.63 16.21 25.90
N GLN A 1221 33.36 15.35 25.19
CA GLN A 1221 33.94 15.76 23.91
C GLN A 1221 32.88 16.06 22.85
N LEU A 1222 31.69 15.51 23.00
CA LEU A 1222 30.63 15.80 22.04
C LEU A 1222 30.07 17.20 22.30
N PRO A 1223 29.95 18.03 21.26
CA PRO A 1223 29.40 19.39 21.46
C PRO A 1223 27.91 19.41 21.75
N LEU A 1224 27.24 18.28 21.63
CA LEU A 1224 25.84 18.11 21.98
C LEU A 1224 25.71 17.14 23.15
N LYS A 1225 26.57 17.35 24.16
CA LYS A 1225 26.75 16.37 25.23
C LYS A 1225 25.42 15.95 25.86
N LEU A 1226 24.61 16.92 26.25
CA LEU A 1226 23.28 16.63 26.79
C LEU A 1226 22.19 16.72 25.74
N GLU A 1227 22.54 17.02 24.49
CA GLU A 1227 21.59 17.06 23.39
C GLU A 1227 21.96 16.05 22.30
N SER A 1228 22.78 15.07 22.65
CA SER A 1228 23.18 14.05 21.69
C SER A 1228 21.96 13.22 21.27
N GLU A 1229 21.68 13.23 19.97
CA GLU A 1229 20.51 12.53 19.45
C GLU A 1229 20.70 11.03 19.59
N VAL A 1230 19.63 10.34 19.96
CA VAL A 1230 19.59 8.89 20.05
C VAL A 1230 18.48 8.40 19.13
N MET A 1231 18.82 7.45 18.27
CA MET A 1231 17.89 6.91 17.29
C MET A 1231 17.13 5.73 17.88
N GLU A 1232 16.41 5.02 17.01
CA GLU A 1232 15.65 3.85 17.44
C GLU A 1232 16.59 2.80 18.01
N ASN A 1233 16.29 2.35 19.23
CA ASN A 1233 17.05 1.35 19.98
C ASN A 1233 18.47 1.82 20.28
N GLY A 1234 18.83 3.05 19.95
CA GLY A 1234 20.16 3.57 20.23
C GLY A 1234 21.29 2.77 19.61
N ASP A 1235 21.15 2.38 18.35
CA ASP A 1235 22.16 1.55 17.71
C ASP A 1235 23.29 2.39 17.12
N ASN A 1236 23.90 3.24 17.95
CA ASN A 1236 25.04 4.04 17.52
C ASN A 1236 26.21 4.03 18.50
N PHE A 1237 25.98 3.75 19.78
CA PHE A 1237 27.06 3.61 20.74
C PHE A 1237 27.53 2.14 20.75
N SER A 1238 28.57 1.86 21.52
CA SER A 1238 28.99 0.49 21.73
C SER A 1238 28.06 -0.18 22.74
N VAL A 1239 28.15 -1.51 22.82
CA VAL A 1239 27.31 -2.25 23.75
C VAL A 1239 27.65 -1.88 25.19
N GLY A 1240 28.93 -1.63 25.48
CA GLY A 1240 29.30 -1.19 26.81
C GLY A 1240 28.69 0.14 27.17
N GLU A 1241 28.67 1.08 26.22
CA GLU A 1241 28.03 2.37 26.46
C GLU A 1241 26.54 2.20 26.72
N ARG A 1242 25.89 1.34 25.94
CA ARG A 1242 24.46 1.11 26.13
C ARG A 1242 24.18 0.54 27.52
N GLN A 1243 24.93 -0.48 27.93
CA GLN A 1243 24.72 -1.07 29.25
C GLN A 1243 25.01 -0.05 30.35
N LEU A 1244 26.06 0.74 30.20
CA LEU A 1244 26.39 1.74 31.21
C LEU A 1244 25.29 2.78 31.34
N LEU A 1245 24.76 3.28 30.22
CA LEU A 1245 23.70 4.27 30.31
C LEU A 1245 22.43 3.65 30.88
N CYS A 1246 22.15 2.38 30.55
CA CYS A 1246 20.97 1.74 31.13
C CYS A 1246 21.10 1.59 32.64
N ILE A 1247 22.27 1.17 33.13
CA ILE A 1247 22.42 1.00 34.57
C ILE A 1247 22.46 2.36 35.26
N ALA A 1248 22.89 3.40 34.54
CA ALA A 1248 22.72 4.76 35.07
C ALA A 1248 21.24 5.12 35.19
N ARG A 1249 20.44 4.69 34.21
CA ARG A 1249 19.00 4.92 34.20
C ARG A 1249 18.33 4.13 35.32
N ALA A 1250 19.07 3.21 35.93
CA ALA A 1250 18.56 2.48 37.09
C ALA A 1250 19.05 3.12 38.38
N LEU A 1251 20.29 3.62 38.38
CA LEU A 1251 20.88 4.08 39.62
C LEU A 1251 20.46 5.51 39.97
N LEU A 1252 20.05 6.31 38.98
CA LEU A 1252 19.68 7.68 39.33
C LEU A 1252 18.35 7.73 40.09
N ARG A 1253 17.53 6.69 39.97
CA ARG A 1253 16.23 6.64 40.63
C ARG A 1253 16.33 6.36 42.12
N HIS A 1254 17.52 5.94 42.60
CA HIS A 1254 17.81 5.67 44.01
C HIS A 1254 16.68 4.92 44.72
N CYS A 1255 16.10 3.92 44.05
CA CYS A 1255 15.06 3.10 44.64
C CYS A 1255 15.66 2.14 45.65
N LYS A 1256 14.91 1.86 46.73
CA LYS A 1256 15.39 0.95 47.76
C LYS A 1256 15.53 -0.47 47.24
N ILE A 1257 14.63 -0.91 46.37
CA ILE A 1257 14.61 -2.27 45.86
C ILE A 1257 14.88 -2.23 44.36
N LEU A 1258 15.85 -3.02 43.91
CA LEU A 1258 16.19 -3.10 42.49
C LEU A 1258 16.60 -4.53 42.16
N ILE A 1259 16.17 -5.00 40.99
CA ILE A 1259 16.37 -6.37 40.56
C ILE A 1259 16.98 -6.36 39.16
N LEU A 1260 17.97 -7.23 38.95
CA LEU A 1260 18.54 -7.46 37.63
C LEU A 1260 17.97 -8.75 37.05
N ASP A 1261 17.87 -8.80 35.72
CA ASP A 1261 17.37 -9.98 35.03
C ASP A 1261 18.35 -10.32 33.90
N GLU A 1262 19.38 -11.10 34.24
CA GLU A 1262 20.34 -11.61 33.26
C GLU A 1262 20.94 -10.49 32.43
N ALA A 1263 21.73 -9.65 33.11
CA ALA A 1263 22.29 -8.45 32.47
C ALA A 1263 23.14 -8.80 31.25
N THR A 1264 23.74 -9.99 31.20
CA THR A 1264 24.54 -10.39 30.06
C THR A 1264 23.67 -10.58 28.81
N THR A 1269 34.91 -9.66 26.93
CA THR A 1269 35.28 -10.20 28.23
C THR A 1269 35.62 -9.07 29.19
N GLU A 1270 36.53 -8.18 28.77
CA GLU A 1270 36.91 -7.05 29.61
C GLU A 1270 35.73 -6.13 29.87
N THR A 1271 34.92 -5.88 28.84
CA THR A 1271 33.73 -5.05 29.02
C THR A 1271 32.76 -5.70 30.00
N ASP A 1272 32.59 -7.02 29.88
CA ASP A 1272 31.71 -7.73 30.82
C ASP A 1272 32.22 -7.62 32.24
N LEU A 1273 33.52 -7.81 32.45
CA LEU A 1273 34.09 -7.69 33.79
C LEU A 1273 33.93 -6.28 34.33
N LEU A 1274 34.12 -5.27 33.47
CA LEU A 1274 33.91 -3.89 33.89
C LEU A 1274 32.47 -3.65 34.31
N ILE A 1275 31.51 -4.21 33.56
CA ILE A 1275 30.11 -4.06 33.92
C ILE A 1275 29.83 -4.72 35.27
N GLN A 1276 30.33 -5.94 35.48
CA GLN A 1276 30.08 -6.63 36.74
C GLN A 1276 30.69 -5.88 37.91
N GLU A 1277 31.92 -5.39 37.76
CA GLU A 1277 32.54 -4.65 38.87
C GLU A 1277 31.83 -3.34 39.14
N THR A 1278 31.34 -2.66 38.08
CA THR A 1278 30.58 -1.43 38.27
C THR A 1278 29.29 -1.70 39.04
N ILE A 1279 28.60 -2.78 38.69
CA ILE A 1279 27.38 -3.15 39.42
C ILE A 1279 27.71 -3.49 40.86
N ARG A 1280 28.81 -4.21 41.09
CA ARG A 1280 29.19 -4.58 42.45
C ARG A 1280 29.47 -3.35 43.30
N GLU A 1281 30.19 -2.37 42.74
CA GLU A 1281 30.53 -1.17 43.49
C GLU A 1281 29.42 -0.14 43.52
N ALA A 1282 28.37 -0.31 42.71
CA ALA A 1282 27.34 0.71 42.59
C ALA A 1282 26.28 0.64 43.69
N PHE A 1283 25.64 -0.52 43.86
CA PHE A 1283 24.49 -0.66 44.73
C PHE A 1283 24.80 -1.48 45.98
N ALA A 1284 25.98 -1.27 46.58
CA ALA A 1284 26.34 -2.04 47.76
C ALA A 1284 25.49 -1.71 48.97
N ASP A 1285 24.70 -0.64 48.93
CA ASP A 1285 23.94 -0.16 50.08
C ASP A 1285 22.44 -0.42 49.96
N CYS A 1286 22.00 -1.20 48.98
CA CYS A 1286 20.57 -1.52 48.83
C CYS A 1286 20.35 -3.02 48.95
N THR A 1287 19.17 -3.50 48.62
CA THR A 1287 18.88 -4.93 48.59
C THR A 1287 18.93 -5.39 47.14
N MET A 1288 19.72 -6.43 46.87
CA MET A 1288 19.93 -6.91 45.51
C MET A 1288 19.19 -8.23 45.32
N LEU A 1289 18.38 -8.31 44.28
CA LEU A 1289 17.84 -9.57 43.79
C LEU A 1289 18.35 -9.78 42.37
N THR A 1290 18.93 -10.94 42.12
CA THR A 1290 19.59 -11.22 40.85
C THR A 1290 18.90 -12.38 40.16
N ILE A 1291 18.47 -12.16 38.93
CA ILE A 1291 17.93 -13.23 38.09
C ILE A 1291 19.00 -13.51 37.05
N ALA A 1292 19.87 -14.48 37.36
CA ALA A 1292 21.03 -14.78 36.54
C ALA A 1292 21.02 -16.24 36.11
N HIS A 1293 21.24 -16.48 34.82
CA HIS A 1293 21.34 -17.84 34.29
C HIS A 1293 22.75 -18.39 34.33
N ARG A 1294 23.74 -17.57 34.69
CA ARG A 1294 25.13 -18.01 34.70
C ARG A 1294 25.59 -18.22 36.14
N LEU A 1295 26.06 -19.44 36.42
CA LEU A 1295 26.54 -19.78 37.75
C LEU A 1295 27.82 -19.01 38.11
N HIS A 1296 28.73 -18.83 37.15
CA HIS A 1296 30.01 -18.21 37.46
C HIS A 1296 29.84 -16.79 37.95
N THR A 1297 28.94 -16.02 37.32
CA THR A 1297 28.72 -14.64 37.76
C THR A 1297 28.13 -14.58 39.15
N VAL A 1298 27.19 -15.48 39.46
CA VAL A 1298 26.52 -15.46 40.76
C VAL A 1298 27.34 -16.12 41.86
N LEU A 1299 28.50 -16.69 41.53
CA LEU A 1299 29.34 -17.31 42.53
C LEU A 1299 29.76 -16.30 43.59
N GLY A 1300 29.79 -16.74 44.84
CA GLY A 1300 30.15 -15.89 45.96
C GLY A 1300 29.02 -15.04 46.51
N SER A 1301 27.80 -15.21 46.02
CA SER A 1301 26.68 -14.42 46.49
C SER A 1301 26.31 -14.80 47.91
N ASP A 1302 25.55 -13.92 48.57
CA ASP A 1302 25.14 -14.17 49.94
C ASP A 1302 24.22 -15.39 50.04
N ARG A 1303 23.19 -15.45 49.20
CA ARG A 1303 22.26 -16.56 49.20
C ARG A 1303 21.89 -16.92 47.76
N ILE A 1304 21.45 -18.16 47.59
CA ILE A 1304 21.06 -18.68 46.28
C ILE A 1304 19.64 -19.19 46.36
N MET A 1305 18.80 -18.73 45.42
CA MET A 1305 17.42 -19.17 45.33
C MET A 1305 17.31 -20.23 44.24
N VAL A 1306 16.72 -21.37 44.59
CA VAL A 1306 16.51 -22.47 43.65
C VAL A 1306 15.02 -22.66 43.45
N LEU A 1307 14.61 -22.71 42.19
CA LEU A 1307 13.21 -22.90 41.82
C LEU A 1307 13.05 -24.25 41.15
N ALA A 1308 12.16 -25.08 41.69
CA ALA A 1308 11.86 -26.40 41.14
C ALA A 1308 10.46 -26.34 40.55
N GLN A 1309 10.37 -25.88 39.30
CA GLN A 1309 9.10 -25.79 38.58
C GLN A 1309 8.06 -25.00 39.39
N GLY A 1310 8.48 -23.85 39.91
CA GLY A 1310 7.58 -23.01 40.69
C GLY A 1310 7.60 -23.23 42.17
N GLN A 1311 8.60 -23.92 42.70
CA GLN A 1311 8.71 -24.15 44.14
C GLN A 1311 10.17 -24.13 44.55
N VAL A 1312 10.41 -23.84 45.82
CA VAL A 1312 11.76 -23.71 46.38
C VAL A 1312 12.08 -24.96 47.19
N VAL A 1313 13.27 -25.50 46.99
CA VAL A 1313 13.69 -26.72 47.67
C VAL A 1313 14.85 -26.51 48.63
N GLU A 1314 15.73 -25.53 48.41
CA GLU A 1314 16.86 -25.27 49.28
C GLU A 1314 16.95 -23.78 49.59
N PHE A 1315 17.42 -23.46 50.81
CA PHE A 1315 17.55 -22.07 51.23
C PHE A 1315 18.70 -22.01 52.23
N ASP A 1316 19.88 -21.63 51.74
CA ASP A 1316 21.07 -21.49 52.57
C ASP A 1316 22.14 -20.79 51.74
N THR A 1317 23.29 -20.53 52.36
CA THR A 1317 24.39 -19.92 51.66
C THR A 1317 24.97 -20.89 50.63
N PRO A 1318 25.41 -20.39 49.48
CA PRO A 1318 25.98 -21.28 48.45
C PRO A 1318 27.25 -21.99 48.88
N SER A 1319 27.97 -21.45 49.88
CA SER A 1319 29.20 -22.10 50.33
C SER A 1319 28.91 -23.47 50.91
N VAL A 1320 27.86 -23.59 51.72
CA VAL A 1320 27.45 -24.89 52.26
C VAL A 1320 26.66 -25.71 51.24
N LEU A 1321 26.21 -25.10 50.15
CA LEU A 1321 25.48 -25.81 49.11
C LEU A 1321 26.42 -26.47 48.10
N LEU A 1322 27.51 -25.77 47.73
CA LEU A 1322 28.53 -26.38 46.88
C LEU A 1322 29.36 -27.41 47.62
N SER A 1323 29.40 -27.35 48.96
CA SER A 1323 30.09 -28.34 49.76
C SER A 1323 29.27 -29.60 49.97
N ASN A 1324 28.01 -29.60 49.57
CA ASN A 1324 27.13 -30.76 49.69
C ASN A 1324 26.90 -31.33 48.30
N ASP A 1325 27.33 -32.59 48.11
CA ASP A 1325 27.11 -33.24 46.82
C ASP A 1325 25.63 -33.47 46.56
N SER A 1326 24.88 -33.84 47.59
CA SER A 1326 23.45 -34.10 47.43
C SER A 1326 22.65 -32.82 47.17
N SER A 1327 23.23 -31.65 47.39
CA SER A 1327 22.53 -30.41 47.11
C SER A 1327 22.29 -30.25 45.62
N ARG A 1328 21.09 -29.80 45.26
CA ARG A 1328 20.77 -29.58 43.86
C ARG A 1328 21.63 -28.48 43.26
N PHE A 1329 22.00 -27.48 44.06
CA PHE A 1329 22.82 -26.38 43.59
C PHE A 1329 24.19 -26.85 43.12
N TYR A 1330 24.67 -27.99 43.63
CA TYR A 1330 25.97 -28.53 43.23
C TYR A 1330 25.87 -29.44 42.02
N ALA A 1331 24.66 -29.72 41.52
CA ALA A 1331 24.50 -30.65 40.41
C ALA A 1331 25.06 -30.08 39.12
N MET A 1332 24.50 -28.96 38.65
CA MET A 1332 24.93 -28.37 37.39
C MET A 1332 26.27 -27.66 37.47
N PHE A 1333 26.83 -27.51 38.67
CA PHE A 1333 28.13 -26.84 38.80
C PHE A 1333 29.22 -27.61 38.07
N ALA A 1334 29.21 -28.93 38.16
CA ALA A 1334 30.20 -29.75 37.47
C ALA A 1334 29.94 -29.80 35.98
N ASP B 3 -6.99 14.39 -6.55
CA ASP B 3 -7.57 15.69 -6.85
C ASP B 3 -9.05 15.54 -7.15
N ALA B 4 -9.80 16.63 -6.93
CA ALA B 4 -11.23 16.62 -7.22
C ALA B 4 -11.50 16.40 -8.70
N LEU B 5 -10.70 17.03 -9.56
CA LEU B 5 -10.83 16.79 -11.00
C LEU B 5 -10.28 15.43 -11.41
N GLU B 6 -9.24 14.94 -10.72
CA GLU B 6 -8.68 13.64 -11.05
C GLU B 6 -9.69 12.53 -10.80
N THR B 7 -10.39 12.57 -9.66
CA THR B 7 -11.40 11.57 -9.36
C THR B 7 -12.68 11.76 -10.17
N ALA B 8 -12.81 12.88 -10.88
CA ALA B 8 -13.99 13.08 -11.72
C ALA B 8 -14.02 12.11 -12.89
N ALA B 9 -12.90 11.99 -13.60
CA ALA B 9 -12.85 11.09 -14.75
C ALA B 9 -12.76 9.63 -14.33
N ARG B 10 -12.06 9.35 -13.24
CA ARG B 10 -11.95 7.97 -12.76
C ARG B 10 -13.30 7.40 -12.35
N ALA B 11 -14.12 8.21 -11.66
CA ALA B 11 -15.42 7.74 -11.20
C ALA B 11 -16.39 7.49 -12.34
N GLU B 12 -16.07 7.92 -13.56
CA GLU B 12 -16.97 7.70 -14.69
C GLU B 12 -17.06 6.21 -15.03
N GLY B 13 -15.94 5.60 -15.43
CA GLY B 13 -15.95 4.20 -15.77
C GLY B 13 -14.66 3.46 -15.46
N LEU B 14 -13.77 4.10 -14.68
CA LEU B 14 -12.46 3.53 -14.42
C LEU B 14 -12.30 3.19 -12.94
N SER B 15 -11.21 2.50 -12.63
CA SER B 15 -10.91 2.16 -11.24
C SER B 15 -10.52 3.40 -10.45
N LEU B 16 -10.75 3.35 -9.15
CA LEU B 16 -10.50 4.48 -8.26
C LEU B 16 -9.23 4.31 -7.43
#